data_1WOA
#
_entry.id   1WOA
#
_cell.length_a   51.050
_cell.length_b   108.510
_cell.length_c   178.750
_cell.angle_alpha   90.00
_cell.angle_beta   90.00
_cell.angle_gamma   90.00
#
_symmetry.space_group_name_H-M   'P 21 21 21'
#
loop_
_entity.id
_entity.type
_entity.pdbx_description
1 polymer 'Triosephosphate isomerase'
2 non-polymer '2-HYDROXY-1-(HYDROXYMETHYL)ETHYL DIHYDROGEN PHOSPHATE'
3 water water
#
_entity_poly.entity_id   1
_entity_poly.type   'polypeptide(L)'
_entity_poly.pdbx_seq_one_letter_code
;MARKYFVAANWKCNGTLESIKSLTNSFNNLDFDPSKLDVVVFPVSVHYDHTRKLLQSKFSTGIQNVSKFGNGSYTGEVSA
EIAKDLNIEYVIIGHFERRKYFHETDEDVREKLQASLKNNLKAVVCFGESLEQREQNKTIEVITKQVKAFVDLIDNFDNV
ILVYEPLFAIGTGKTATPEQAQLVHKEIRKIVKDTCGEKQANQIRILYGGSVNTENCSSLIQQEDIDGFLVGNASLKESF
VDIIKSAM
;
_entity_poly.pdbx_strand_id   A,B,C,D
#
loop_
_chem_comp.id
_chem_comp.type
_chem_comp.name
_chem_comp.formula
G2H non-polymer '2-HYDROXY-1-(HYDROXYMETHYL)ETHYL DIHYDROGEN PHOSPHATE' 'C3 H9 O6 P'
#
# COMPACT_ATOMS: atom_id res chain seq x y z
N ARG A 3 -10.15 -11.65 -19.75
CA ARG A 3 -10.92 -10.79 -18.80
C ARG A 3 -12.22 -10.28 -19.40
N LYS A 4 -13.29 -10.41 -18.63
CA LYS A 4 -14.62 -9.98 -19.03
C LYS A 4 -14.68 -8.46 -18.86
N TYR A 5 -14.99 -7.74 -19.95
CA TYR A 5 -15.06 -6.29 -19.89
C TYR A 5 -16.11 -5.81 -18.92
N PHE A 6 -15.87 -4.62 -18.37
CA PHE A 6 -16.75 -4.00 -17.38
C PHE A 6 -17.07 -2.55 -17.76
N VAL A 7 -18.36 -2.21 -17.84
CA VAL A 7 -18.75 -0.85 -18.19
C VAL A 7 -19.73 -0.36 -17.14
N ALA A 8 -19.32 0.62 -16.35
CA ALA A 8 -20.17 1.14 -15.29
C ALA A 8 -20.68 2.53 -15.56
N ALA A 9 -21.92 2.78 -15.17
CA ALA A 9 -22.54 4.08 -15.32
C ALA A 9 -22.73 4.71 -13.95
N ASN A 10 -21.95 5.74 -13.66
CA ASN A 10 -22.05 6.44 -12.38
C ASN A 10 -22.90 7.71 -12.57
N TRP A 11 -24.19 7.62 -12.29
CA TRP A 11 -25.09 8.76 -12.44
C TRP A 11 -24.84 9.89 -11.47
N LYS A 12 -24.00 9.65 -10.47
CA LYS A 12 -23.67 10.65 -9.47
C LYS A 12 -24.94 11.21 -8.86
N CYS A 13 -24.96 12.51 -8.60
CA CYS A 13 -26.15 13.12 -8.00
C CYS A 13 -27.00 13.80 -9.08
N ASN A 14 -27.72 12.99 -9.83
CA ASN A 14 -28.56 13.48 -10.92
C ASN A 14 -29.76 12.59 -11.12
N GLY A 15 -30.77 13.12 -11.79
CA GLY A 15 -31.93 12.32 -12.08
C GLY A 15 -33.23 12.70 -11.40
N THR A 16 -34.32 12.40 -12.10
CA THR A 16 -35.66 12.63 -11.60
C THR A 16 -36.38 11.35 -11.95
N LEU A 17 -37.47 11.06 -11.27
CA LEU A 17 -38.20 9.83 -11.54
C LEU A 17 -38.48 9.68 -13.04
N GLU A 18 -38.80 10.79 -13.69
CA GLU A 18 -39.14 10.77 -15.10
C GLU A 18 -37.95 10.56 -16.04
N SER A 19 -36.88 11.31 -15.84
CA SER A 19 -35.72 11.17 -16.70
C SER A 19 -35.17 9.76 -16.64
N ILE A 20 -35.20 9.16 -15.46
CA ILE A 20 -34.70 7.80 -15.29
C ILE A 20 -35.54 6.78 -16.06
N LYS A 21 -36.86 6.98 -16.08
CA LYS A 21 -37.73 6.06 -16.80
C LYS A 21 -37.33 6.11 -18.27
N SER A 22 -37.15 7.34 -18.76
CA SER A 22 -36.79 7.55 -20.15
C SER A 22 -35.41 6.97 -20.47
N LEU A 23 -34.44 7.25 -19.61
CA LEU A 23 -33.08 6.78 -19.81
C LEU A 23 -32.98 5.26 -19.83
N THR A 24 -33.59 4.61 -18.83
CA THR A 24 -33.56 3.13 -18.75
C THR A 24 -34.26 2.50 -19.94
N ASN A 25 -35.27 3.19 -20.45
CA ASN A 25 -36.03 2.72 -21.59
C ASN A 25 -35.08 2.59 -22.78
N SER A 26 -34.15 3.52 -22.89
CA SER A 26 -33.15 3.50 -23.96
C SER A 26 -32.21 2.34 -23.72
N PHE A 27 -31.65 2.28 -22.52
CA PHE A 27 -30.70 1.24 -22.14
C PHE A 27 -31.25 -0.15 -22.38
N ASN A 28 -32.51 -0.38 -22.00
CA ASN A 28 -33.12 -1.70 -22.17
C ASN A 28 -33.07 -2.19 -23.61
N ASN A 29 -33.20 -1.26 -24.55
CA ASN A 29 -33.18 -1.60 -25.97
C ASN A 29 -31.91 -2.27 -26.44
N LEU A 30 -30.77 -1.84 -25.93
CA LEU A 30 -29.51 -2.44 -26.34
C LEU A 30 -29.52 -3.94 -26.03
N ASP A 31 -29.26 -4.75 -27.04
CA ASP A 31 -29.24 -6.20 -26.89
C ASP A 31 -27.81 -6.70 -26.70
N PHE A 32 -27.53 -7.28 -25.54
CA PHE A 32 -26.19 -7.78 -25.28
C PHE A 32 -26.20 -8.97 -24.34
N ASP A 33 -25.14 -9.78 -24.39
CA ASP A 33 -25.02 -10.97 -23.56
C ASP A 33 -24.33 -10.61 -22.24
N PRO A 34 -25.07 -10.69 -21.13
CA PRO A 34 -24.49 -10.38 -19.81
C PRO A 34 -23.44 -11.36 -19.32
N SER A 35 -23.38 -12.52 -19.97
CA SER A 35 -22.39 -13.52 -19.57
C SER A 35 -21.05 -13.20 -20.23
N LYS A 36 -21.08 -12.31 -21.22
CA LYS A 36 -19.87 -11.93 -21.92
C LYS A 36 -19.42 -10.52 -21.56
N LEU A 37 -20.32 -9.72 -20.99
CA LEU A 37 -20.00 -8.35 -20.64
C LEU A 37 -20.71 -7.88 -19.38
N ASP A 38 -20.01 -7.09 -18.57
CA ASP A 38 -20.61 -6.58 -17.36
C ASP A 38 -20.94 -5.11 -17.55
N VAL A 39 -22.21 -4.77 -17.31
CA VAL A 39 -22.69 -3.40 -17.41
C VAL A 39 -23.43 -3.12 -16.11
N VAL A 40 -22.93 -2.13 -15.38
CA VAL A 40 -23.52 -1.78 -14.10
C VAL A 40 -23.95 -0.32 -14.05
N VAL A 41 -25.10 -0.07 -13.41
CA VAL A 41 -25.65 1.27 -13.28
C VAL A 41 -25.72 1.68 -11.81
N PHE A 42 -25.08 2.80 -11.47
CA PHE A 42 -25.08 3.26 -10.09
C PHE A 42 -25.91 4.50 -9.91
N PRO A 43 -27.17 4.34 -9.50
CA PRO A 43 -28.06 5.49 -9.29
C PRO A 43 -27.96 6.03 -7.88
N VAL A 44 -28.71 7.08 -7.61
CA VAL A 44 -28.74 7.69 -6.29
C VAL A 44 -29.47 6.68 -5.41
N SER A 45 -29.01 6.56 -4.16
CA SER A 45 -29.59 5.62 -3.20
C SER A 45 -31.11 5.63 -3.21
N VAL A 46 -31.70 6.80 -3.06
CA VAL A 46 -33.16 6.93 -3.04
C VAL A 46 -33.83 6.57 -4.36
N HIS A 47 -33.02 6.39 -5.40
CA HIS A 47 -33.51 6.01 -6.73
C HIS A 47 -33.24 4.53 -7.01
N TYR A 48 -32.53 3.86 -6.11
CA TYR A 48 -32.18 2.47 -6.34
C TYR A 48 -33.35 1.56 -6.70
N ASP A 49 -34.38 1.50 -5.86
CA ASP A 49 -35.52 0.64 -6.15
C ASP A 49 -36.12 0.95 -7.50
N HIS A 50 -36.41 2.22 -7.71
CA HIS A 50 -37.01 2.69 -8.95
C HIS A 50 -36.22 2.22 -10.17
N THR A 51 -34.93 2.52 -10.19
CA THR A 51 -34.08 2.15 -11.31
C THR A 51 -34.04 0.64 -11.49
N ARG A 52 -33.89 -0.10 -10.40
CA ARG A 52 -33.82 -1.56 -10.43
C ARG A 52 -35.06 -2.21 -11.05
N LYS A 53 -36.23 -1.65 -10.77
CA LYS A 53 -37.47 -2.20 -11.32
C LYS A 53 -37.58 -1.91 -12.81
N LEU A 54 -36.92 -0.87 -13.28
CA LEU A 54 -36.98 -0.50 -14.68
C LEU A 54 -35.91 -1.14 -15.56
N LEU A 55 -34.74 -1.38 -15.00
CA LEU A 55 -33.67 -2.02 -15.77
C LEU A 55 -33.86 -3.53 -15.79
N GLN A 56 -33.66 -4.14 -16.96
CA GLN A 56 -33.82 -5.57 -17.12
C GLN A 56 -32.64 -6.29 -16.48
N SER A 57 -32.85 -7.56 -16.15
CA SER A 57 -31.83 -8.39 -15.53
C SER A 57 -30.43 -8.31 -16.14
N LYS A 58 -30.33 -8.09 -17.44
CA LYS A 58 -29.01 -8.03 -18.06
C LYS A 58 -28.17 -6.91 -17.44
N PHE A 59 -28.83 -5.89 -16.90
CA PHE A 59 -28.10 -4.80 -16.25
C PHE A 59 -27.96 -5.02 -14.74
N SER A 60 -26.76 -4.78 -14.23
CA SER A 60 -26.54 -4.92 -12.79
C SER A 60 -26.67 -3.53 -12.20
N THR A 61 -26.93 -3.45 -10.91
CA THR A 61 -27.08 -2.17 -10.27
C THR A 61 -26.31 -2.14 -8.97
N GLY A 62 -26.05 -0.95 -8.46
CA GLY A 62 -25.30 -0.83 -7.21
C GLY A 62 -25.41 0.56 -6.68
N ILE A 63 -24.83 0.82 -5.50
CA ILE A 63 -24.86 2.17 -4.93
C ILE A 63 -23.51 2.89 -4.96
N GLN A 64 -23.58 4.22 -5.05
CA GLN A 64 -22.39 5.07 -5.13
C GLN A 64 -21.50 5.15 -3.89
N ASN A 65 -21.95 4.61 -2.77
CA ASN A 65 -21.14 4.67 -1.56
C ASN A 65 -21.66 3.68 -0.54
N VAL A 66 -20.76 3.22 0.35
CA VAL A 66 -21.14 2.30 1.40
C VAL A 66 -20.43 2.74 2.67
N SER A 67 -21.07 2.56 3.82
CA SER A 67 -20.52 2.94 5.11
C SER A 67 -19.37 2.06 5.60
N LYS A 68 -18.47 2.64 6.41
CA LYS A 68 -17.34 1.88 6.94
C LYS A 68 -17.72 1.21 8.26
N PHE A 69 -18.88 1.60 8.80
CA PHE A 69 -19.39 1.03 10.03
C PHE A 69 -20.50 0.05 9.64
N GLY A 70 -20.94 -0.77 10.58
CA GLY A 70 -22.00 -1.71 10.29
C GLY A 70 -23.29 -1.10 10.81
N ASN A 71 -24.33 -1.91 10.98
CA ASN A 71 -25.60 -1.40 11.49
C ASN A 71 -25.32 -0.74 12.83
N GLY A 72 -26.12 0.26 13.17
CA GLY A 72 -25.92 0.95 14.43
C GLY A 72 -26.20 2.44 14.38
N SER A 73 -25.76 3.16 15.41
CA SER A 73 -25.97 4.60 15.53
C SER A 73 -25.11 5.46 14.58
N TYR A 74 -25.45 5.43 13.30
CA TYR A 74 -24.72 6.19 12.31
C TYR A 74 -25.67 6.87 11.34
N THR A 75 -26.38 7.86 11.86
CA THR A 75 -27.36 8.62 11.09
C THR A 75 -26.86 9.01 9.70
N GLY A 76 -27.64 8.67 8.68
CA GLY A 76 -27.27 9.04 7.32
C GLY A 76 -26.44 8.03 6.54
N GLU A 77 -25.95 7.00 7.21
CA GLU A 77 -25.13 6.00 6.55
C GLU A 77 -25.95 4.82 6.09
N VAL A 78 -25.38 4.07 5.17
CA VAL A 78 -25.97 2.84 4.64
C VAL A 78 -24.87 1.81 4.82
N SER A 79 -25.17 0.71 5.51
CA SER A 79 -24.17 -0.31 5.73
C SER A 79 -24.17 -1.44 4.71
N ALA A 80 -23.05 -2.13 4.63
CA ALA A 80 -22.91 -3.25 3.70
C ALA A 80 -24.00 -4.28 4.01
N GLU A 81 -24.35 -4.42 5.29
CA GLU A 81 -25.38 -5.37 5.70
C GLU A 81 -26.73 -4.99 5.11
N ILE A 82 -27.10 -3.72 5.25
CA ILE A 82 -28.38 -3.22 4.72
C ILE A 82 -28.37 -3.51 3.21
N ALA A 83 -27.23 -3.21 2.59
CA ALA A 83 -27.06 -3.42 1.16
C ALA A 83 -27.27 -4.90 0.76
N LYS A 84 -26.57 -5.79 1.45
CA LYS A 84 -26.69 -7.22 1.20
C LYS A 84 -28.14 -7.69 1.28
N ASP A 85 -28.85 -7.25 2.31
CA ASP A 85 -30.25 -7.62 2.53
C ASP A 85 -31.17 -7.22 1.40
N LEU A 86 -30.85 -6.09 0.74
CA LEU A 86 -31.63 -5.59 -0.39
C LEU A 86 -31.12 -6.18 -1.70
N ASN A 87 -30.05 -6.97 -1.61
CA ASN A 87 -29.43 -7.58 -2.76
C ASN A 87 -28.71 -6.64 -3.73
N ILE A 88 -28.26 -5.48 -3.22
CA ILE A 88 -27.50 -4.56 -4.07
C ILE A 88 -26.25 -5.38 -4.39
N GLU A 89 -25.80 -5.35 -5.64
CA GLU A 89 -24.66 -6.16 -6.04
C GLU A 89 -23.30 -5.47 -5.98
N TYR A 90 -23.21 -4.24 -6.47
CA TYR A 90 -21.93 -3.53 -6.45
C TYR A 90 -22.01 -2.25 -5.64
N VAL A 91 -20.84 -1.71 -5.30
CA VAL A 91 -20.74 -0.45 -4.58
C VAL A 91 -19.49 0.25 -5.07
N ILE A 92 -19.51 1.57 -5.12
CA ILE A 92 -18.34 2.32 -5.55
C ILE A 92 -17.62 2.73 -4.27
N ILE A 93 -16.30 2.63 -4.27
CA ILE A 93 -15.54 2.99 -3.09
C ILE A 93 -14.35 3.88 -3.43
N GLY A 94 -14.21 4.97 -2.67
CA GLY A 94 -13.11 5.88 -2.87
C GLY A 94 -13.16 6.81 -4.07
N HIS A 95 -14.35 7.07 -4.59
CA HIS A 95 -14.45 7.99 -5.73
C HIS A 95 -13.81 9.32 -5.31
N PHE A 96 -13.03 9.92 -6.20
CA PHE A 96 -12.34 11.15 -5.84
C PHE A 96 -13.24 12.27 -5.32
N GLU A 97 -14.48 12.32 -5.79
CA GLU A 97 -15.39 13.36 -5.31
C GLU A 97 -15.67 13.20 -3.82
N ARG A 98 -15.55 11.98 -3.31
CA ARG A 98 -15.81 11.79 -1.89
C ARG A 98 -14.51 12.07 -1.13
N ARG A 99 -13.39 11.79 -1.76
CA ARG A 99 -12.08 12.02 -1.14
C ARG A 99 -11.84 13.52 -1.08
N LYS A 100 -12.43 14.25 -2.03
CA LYS A 100 -12.26 15.69 -2.10
C LYS A 100 -13.19 16.50 -1.21
N TYR A 101 -14.50 16.32 -1.38
CA TYR A 101 -15.46 17.08 -0.59
C TYR A 101 -15.75 16.50 0.77
N PHE A 102 -15.50 15.21 0.96
CA PHE A 102 -15.81 14.60 2.25
C PHE A 102 -14.63 14.03 3.02
N HIS A 103 -13.42 14.34 2.53
CA HIS A 103 -12.18 13.92 3.17
C HIS A 103 -12.11 12.43 3.53
N GLU A 104 -12.59 11.61 2.61
CA GLU A 104 -12.57 10.16 2.78
C GLU A 104 -11.10 9.82 2.57
N THR A 105 -10.51 9.11 3.51
CA THR A 105 -9.09 8.74 3.44
C THR A 105 -8.86 7.31 3.00
N ASP A 106 -7.61 6.98 2.71
CA ASP A 106 -7.23 5.65 2.29
C ASP A 106 -7.57 4.65 3.38
N GLU A 107 -7.67 5.13 4.61
CA GLU A 107 -8.03 4.26 5.71
C GLU A 107 -9.51 3.95 5.55
N ASP A 108 -10.32 4.97 5.23
CA ASP A 108 -11.75 4.78 5.03
C ASP A 108 -11.98 3.78 3.89
N VAL A 109 -11.24 3.96 2.81
CA VAL A 109 -11.35 3.09 1.65
C VAL A 109 -11.12 1.64 2.04
N ARG A 110 -10.05 1.40 2.81
CA ARG A 110 -9.70 0.06 3.26
C ARG A 110 -10.83 -0.56 4.06
N GLU A 111 -11.30 0.16 5.07
CA GLU A 111 -12.39 -0.33 5.92
C GLU A 111 -13.66 -0.56 5.15
N LYS A 112 -14.02 0.37 4.28
CA LYS A 112 -15.22 0.20 3.49
C LYS A 112 -15.10 -1.08 2.65
N LEU A 113 -13.96 -1.25 1.99
CA LEU A 113 -13.75 -2.43 1.17
C LEU A 113 -13.90 -3.71 1.99
N GLN A 114 -13.35 -3.68 3.21
CA GLN A 114 -13.43 -4.83 4.08
C GLN A 114 -14.86 -5.15 4.47
N ALA A 115 -15.60 -4.13 4.87
CA ALA A 115 -16.98 -4.31 5.24
C ALA A 115 -17.75 -4.88 4.05
N SER A 116 -17.45 -4.38 2.85
CA SER A 116 -18.14 -4.84 1.64
C SER A 116 -17.87 -6.30 1.33
N LEU A 117 -16.60 -6.69 1.31
CA LEU A 117 -16.25 -8.07 1.00
C LEU A 117 -16.84 -9.03 2.02
N LYS A 118 -16.81 -8.62 3.28
CA LYS A 118 -17.34 -9.46 4.34
C LYS A 118 -18.82 -9.77 4.13
N ASN A 119 -19.53 -8.89 3.43
CA ASN A 119 -20.95 -9.09 3.19
C ASN A 119 -21.30 -9.54 1.78
N ASN A 120 -20.30 -10.05 1.06
CA ASN A 120 -20.50 -10.54 -0.30
C ASN A 120 -20.94 -9.49 -1.30
N LEU A 121 -20.35 -8.31 -1.21
CA LEU A 121 -20.67 -7.24 -2.14
C LEU A 121 -19.48 -7.13 -3.07
N LYS A 122 -19.73 -6.76 -4.31
CA LYS A 122 -18.63 -6.60 -5.25
C LYS A 122 -18.27 -5.12 -5.15
N ALA A 123 -16.98 -4.82 -5.27
CA ALA A 123 -16.54 -3.44 -5.12
C ALA A 123 -15.80 -2.81 -6.29
N VAL A 124 -16.17 -1.57 -6.59
CA VAL A 124 -15.54 -0.79 -7.65
C VAL A 124 -14.70 0.22 -6.86
N VAL A 125 -13.42 -0.07 -6.71
CA VAL A 125 -12.51 0.79 -5.94
C VAL A 125 -11.79 1.82 -6.79
N CYS A 126 -11.85 3.08 -6.36
CA CYS A 126 -11.24 4.17 -7.10
C CYS A 126 -10.02 4.80 -6.46
N PHE A 127 -9.09 5.23 -7.31
CA PHE A 127 -7.86 5.88 -6.88
C PHE A 127 -7.27 6.61 -8.08
N GLY A 128 -6.43 7.61 -7.81
CA GLY A 128 -5.80 8.37 -8.88
C GLY A 128 -5.00 9.52 -8.35
N GLU A 129 -4.10 10.07 -9.16
CA GLU A 129 -3.26 11.19 -8.71
C GLU A 129 -3.83 12.54 -9.15
N SER A 130 -3.45 13.58 -8.43
CA SER A 130 -3.91 14.92 -8.72
C SER A 130 -3.08 15.55 -9.83
N LEU A 131 -3.45 16.76 -10.22
CA LEU A 131 -2.71 17.47 -11.26
C LEU A 131 -1.36 17.89 -10.71
N GLU A 132 -1.36 18.33 -9.46
CA GLU A 132 -0.15 18.77 -8.79
C GLU A 132 0.85 17.61 -8.64
N GLN A 133 0.34 16.45 -8.25
CA GLN A 133 1.18 15.27 -8.07
C GLN A 133 1.74 14.77 -9.40
N ARG A 134 0.98 14.95 -10.47
CA ARG A 134 1.43 14.49 -11.77
C ARG A 134 2.58 15.34 -12.26
N GLU A 135 2.48 16.65 -12.06
CA GLU A 135 3.54 17.56 -12.49
C GLU A 135 4.82 17.25 -11.74
N GLN A 136 4.69 16.86 -10.48
CA GLN A 136 5.88 16.52 -9.68
C GLN A 136 6.36 15.11 -10.03
N ASN A 137 5.75 14.51 -11.05
CA ASN A 137 6.13 13.17 -11.50
C ASN A 137 6.01 12.14 -10.38
N LYS A 138 4.98 12.30 -9.54
CA LYS A 138 4.76 11.40 -8.43
C LYS A 138 3.67 10.37 -8.73
N THR A 139 3.09 10.46 -9.92
CA THR A 139 2.02 9.57 -10.35
C THR A 139 2.14 8.11 -9.89
N ILE A 140 3.24 7.44 -10.20
CA ILE A 140 3.40 6.05 -9.79
C ILE A 140 3.50 5.91 -8.28
N GLU A 141 4.24 6.83 -7.66
CA GLU A 141 4.41 6.79 -6.22
C GLU A 141 3.07 6.86 -5.51
N VAL A 142 2.23 7.79 -5.95
CA VAL A 142 0.90 7.98 -5.37
C VAL A 142 0.01 6.76 -5.58
N ILE A 143 -0.06 6.29 -6.83
CA ILE A 143 -0.86 5.13 -7.17
C ILE A 143 -0.50 3.92 -6.33
N THR A 144 0.80 3.66 -6.21
CA THR A 144 1.29 2.53 -5.44
C THR A 144 0.80 2.60 -4.01
N LYS A 145 0.93 3.77 -3.40
CA LYS A 145 0.50 3.98 -2.02
C LYS A 145 -0.98 3.65 -1.86
N GLN A 146 -1.81 4.32 -2.67
CA GLN A 146 -3.24 4.10 -2.62
C GLN A 146 -3.64 2.66 -2.83
N VAL A 147 -3.07 2.00 -3.82
CA VAL A 147 -3.41 0.61 -4.07
C VAL A 147 -2.92 -0.28 -2.92
N LYS A 148 -1.68 -0.10 -2.51
CA LYS A 148 -1.13 -0.89 -1.41
C LYS A 148 -1.90 -0.67 -0.12
N ALA A 149 -2.85 0.25 -0.11
CA ALA A 149 -3.63 0.53 1.09
C ALA A 149 -4.78 -0.46 1.30
N PHE A 150 -5.14 -1.22 0.26
CA PHE A 150 -6.24 -2.16 0.41
C PHE A 150 -6.07 -3.46 -0.35
N VAL A 151 -5.15 -3.47 -1.32
CA VAL A 151 -4.93 -4.63 -2.15
C VAL A 151 -4.75 -5.95 -1.42
N ASP A 152 -4.22 -5.92 -0.20
CA ASP A 152 -4.03 -7.15 0.54
C ASP A 152 -5.35 -7.80 0.93
N LEU A 153 -6.41 -6.99 1.07
CA LEU A 153 -7.72 -7.51 1.44
C LEU A 153 -8.45 -8.22 0.31
N ILE A 154 -7.93 -8.15 -0.91
CA ILE A 154 -8.58 -8.80 -2.02
C ILE A 154 -8.39 -10.32 -2.03
N ASP A 155 -9.51 -11.04 -1.92
CA ASP A 155 -9.49 -12.49 -1.90
C ASP A 155 -9.95 -13.08 -3.22
N ASN A 156 -11.07 -12.58 -3.73
CA ASN A 156 -11.61 -13.06 -5.00
C ASN A 156 -11.43 -11.93 -5.99
N PHE A 157 -10.54 -12.12 -6.97
CA PHE A 157 -10.26 -11.09 -7.94
C PHE A 157 -11.25 -10.88 -9.08
N ASP A 158 -12.46 -11.42 -8.90
CA ASP A 158 -13.52 -11.26 -9.89
C ASP A 158 -14.52 -10.30 -9.27
N ASN A 159 -14.40 -10.13 -7.95
CA ASN A 159 -15.32 -9.30 -7.19
C ASN A 159 -14.85 -7.92 -6.76
N VAL A 160 -13.66 -7.53 -7.22
CA VAL A 160 -13.13 -6.21 -6.90
C VAL A 160 -12.64 -5.63 -8.23
N ILE A 161 -13.19 -4.48 -8.61
CA ILE A 161 -12.82 -3.85 -9.86
C ILE A 161 -12.09 -2.56 -9.55
N LEU A 162 -10.85 -2.42 -10.02
CA LEU A 162 -10.08 -1.21 -9.75
C LEU A 162 -10.35 -0.18 -10.82
N VAL A 163 -10.38 1.09 -10.42
CA VAL A 163 -10.62 2.17 -11.38
C VAL A 163 -9.58 3.28 -11.19
N TYR A 164 -8.91 3.63 -12.28
CA TYR A 164 -7.92 4.68 -12.24
C TYR A 164 -8.59 5.98 -12.66
N GLU A 165 -8.62 6.94 -11.75
CA GLU A 165 -9.24 8.23 -12.01
C GLU A 165 -8.21 9.34 -12.11
N PRO A 166 -7.67 9.58 -13.32
CA PRO A 166 -6.68 10.64 -13.44
C PRO A 166 -7.34 11.99 -13.13
N LEU A 167 -7.31 12.37 -11.84
CA LEU A 167 -7.91 13.62 -11.40
C LEU A 167 -7.32 14.77 -12.20
N PHE A 168 -6.01 14.72 -12.39
CA PHE A 168 -5.27 15.74 -13.13
C PHE A 168 -5.93 16.15 -14.43
N ALA A 169 -6.44 15.19 -15.18
CA ALA A 169 -7.08 15.50 -16.46
C ALA A 169 -8.49 16.03 -16.25
N ILE A 170 -9.24 15.42 -15.34
CA ILE A 170 -10.62 15.83 -15.08
C ILE A 170 -10.72 17.27 -14.55
N GLY A 171 -11.27 18.15 -15.38
CA GLY A 171 -11.47 19.55 -14.99
C GLY A 171 -10.25 20.41 -14.73
N THR A 172 -9.36 20.52 -15.71
CA THR A 172 -8.16 21.34 -15.58
C THR A 172 -7.72 21.86 -16.94
N GLY A 173 -8.32 21.29 -18.00
CA GLY A 173 -7.95 21.68 -19.35
C GLY A 173 -6.90 20.73 -19.90
N LYS A 174 -6.74 19.60 -19.21
CA LYS A 174 -5.77 18.57 -19.59
C LYS A 174 -6.51 17.39 -20.22
N THR A 175 -5.75 16.50 -20.89
CA THR A 175 -6.34 15.33 -21.54
C THR A 175 -5.47 14.07 -21.39
N ALA A 176 -6.08 12.99 -20.90
CA ALA A 176 -5.37 11.74 -20.73
C ALA A 176 -5.50 10.96 -22.04
N THR A 177 -4.37 10.71 -22.69
CA THR A 177 -4.39 9.99 -23.95
C THR A 177 -4.37 8.49 -23.69
N PRO A 178 -4.93 7.70 -24.62
CA PRO A 178 -4.96 6.24 -24.46
C PRO A 178 -3.60 5.67 -24.06
N GLU A 179 -2.53 6.32 -24.52
CA GLU A 179 -1.19 5.87 -24.19
C GLU A 179 -0.84 6.13 -22.74
N GLN A 180 -1.07 7.37 -22.30
CA GLN A 180 -0.79 7.75 -20.92
C GLN A 180 -1.52 6.82 -19.94
N ALA A 181 -2.81 6.60 -20.17
CA ALA A 181 -3.59 5.73 -19.30
C ALA A 181 -3.05 4.30 -19.33
N GLN A 182 -2.78 3.80 -20.53
CA GLN A 182 -2.27 2.44 -20.70
C GLN A 182 -0.97 2.21 -19.92
N LEU A 183 -0.18 3.26 -19.74
CA LEU A 183 1.07 3.14 -18.99
C LEU A 183 0.76 2.89 -17.51
N VAL A 184 -0.07 3.74 -16.92
CA VAL A 184 -0.43 3.57 -15.51
C VAL A 184 -1.17 2.24 -15.32
N HIS A 185 -2.14 1.94 -16.19
CA HIS A 185 -2.88 0.68 -16.07
C HIS A 185 -1.93 -0.51 -16.02
N LYS A 186 -0.79 -0.38 -16.69
CA LYS A 186 0.21 -1.44 -16.71
C LYS A 186 0.91 -1.52 -15.36
N GLU A 187 1.28 -0.37 -14.81
CA GLU A 187 1.96 -0.32 -13.50
C GLU A 187 1.07 -0.83 -12.38
N ILE A 188 -0.22 -0.51 -12.45
CA ILE A 188 -1.16 -0.94 -11.43
C ILE A 188 -1.21 -2.45 -11.46
N ARG A 189 -1.42 -3.00 -12.65
CA ARG A 189 -1.51 -4.44 -12.83
C ARG A 189 -0.23 -5.14 -12.35
N LYS A 190 0.89 -4.44 -12.48
CA LYS A 190 2.18 -4.96 -12.06
C LYS A 190 2.24 -4.99 -10.53
N ILE A 191 1.68 -3.96 -9.91
CA ILE A 191 1.67 -3.88 -8.46
C ILE A 191 0.83 -5.01 -7.89
N VAL A 192 -0.24 -5.38 -8.60
CA VAL A 192 -1.08 -6.48 -8.15
C VAL A 192 -0.30 -7.77 -8.29
N LYS A 193 0.31 -7.95 -9.45
CA LYS A 193 1.11 -9.16 -9.73
C LYS A 193 2.17 -9.41 -8.66
N ASP A 194 2.99 -8.39 -8.40
CA ASP A 194 4.05 -8.52 -7.42
C ASP A 194 3.58 -8.74 -6.00
N THR A 195 2.37 -8.28 -5.67
CA THR A 195 1.87 -8.44 -4.32
C THR A 195 0.71 -9.45 -4.14
N CYS A 196 0.21 -9.99 -5.24
CA CYS A 196 -0.88 -10.95 -5.16
C CYS A 196 -0.72 -12.16 -6.09
N GLY A 197 0.27 -12.10 -6.98
CA GLY A 197 0.48 -13.21 -7.89
C GLY A 197 -0.02 -12.91 -9.28
N GLU A 198 0.46 -13.68 -10.26
CA GLU A 198 0.07 -13.49 -11.65
C GLU A 198 -1.35 -13.86 -12.02
N LYS A 199 -1.77 -15.08 -11.70
CA LYS A 199 -3.13 -15.52 -12.02
C LYS A 199 -4.12 -14.44 -11.60
N GLN A 200 -3.84 -13.79 -10.48
CA GLN A 200 -4.69 -12.74 -9.95
C GLN A 200 -4.56 -11.47 -10.78
N ALA A 201 -3.32 -11.01 -10.95
CA ALA A 201 -3.06 -9.80 -11.72
C ALA A 201 -3.70 -9.84 -13.12
N ASN A 202 -3.70 -11.02 -13.74
CA ASN A 202 -4.27 -11.19 -15.08
C ASN A 202 -5.78 -11.32 -15.04
N GLN A 203 -6.32 -11.56 -13.86
CA GLN A 203 -7.75 -11.74 -13.67
C GLN A 203 -8.49 -10.46 -13.26
N ILE A 204 -7.89 -9.71 -12.34
CA ILE A 204 -8.49 -8.46 -11.86
C ILE A 204 -8.70 -7.51 -13.04
N ARG A 205 -9.76 -6.70 -12.99
CA ARG A 205 -10.02 -5.76 -14.07
C ARG A 205 -9.74 -4.34 -13.62
N ILE A 206 -9.06 -3.59 -14.48
CA ILE A 206 -8.71 -2.21 -14.17
C ILE A 206 -9.39 -1.29 -15.18
N LEU A 207 -10.32 -0.48 -14.70
CA LEU A 207 -11.07 0.44 -15.55
C LEU A 207 -10.47 1.84 -15.58
N TYR A 208 -10.75 2.57 -16.65
CA TYR A 208 -10.29 3.94 -16.80
C TYR A 208 -11.46 4.79 -16.32
N GLY A 209 -11.19 5.76 -15.45
CA GLY A 209 -12.25 6.58 -14.92
C GLY A 209 -12.24 8.05 -15.29
N GLY A 210 -11.35 8.47 -16.19
CA GLY A 210 -11.31 9.86 -16.60
C GLY A 210 -12.49 10.12 -17.52
N SER A 211 -12.55 11.28 -18.16
CA SER A 211 -13.68 11.55 -19.06
C SER A 211 -13.76 10.56 -20.21
N VAL A 212 -14.89 9.90 -20.34
CA VAL A 212 -15.11 8.93 -21.40
C VAL A 212 -16.35 9.37 -22.16
N ASN A 213 -16.29 9.31 -23.49
CA ASN A 213 -17.43 9.68 -24.31
C ASN A 213 -17.48 8.77 -25.52
N THR A 214 -18.53 8.94 -26.34
CA THR A 214 -18.73 8.13 -27.53
C THR A 214 -17.62 8.19 -28.56
N GLU A 215 -16.78 9.22 -28.48
CA GLU A 215 -15.70 9.38 -29.45
C GLU A 215 -14.35 8.81 -29.03
N ASN A 216 -14.04 8.83 -27.73
CA ASN A 216 -12.73 8.33 -27.30
C ASN A 216 -12.75 6.96 -26.64
N CYS A 217 -13.94 6.42 -26.37
CA CYS A 217 -14.06 5.13 -25.71
C CYS A 217 -13.36 3.98 -26.45
N SER A 218 -13.45 3.96 -27.77
CA SER A 218 -12.84 2.88 -28.53
C SER A 218 -11.33 2.83 -28.43
N SER A 219 -10.67 3.97 -28.60
CA SER A 219 -9.22 4.02 -28.52
C SER A 219 -8.73 3.70 -27.12
N LEU A 220 -9.64 3.73 -26.16
CA LEU A 220 -9.30 3.43 -24.78
C LEU A 220 -9.46 1.94 -24.48
N ILE A 221 -10.64 1.40 -24.76
CA ILE A 221 -10.91 -0.01 -24.50
C ILE A 221 -9.91 -0.88 -25.25
N GLN A 222 -9.36 -0.36 -26.35
CA GLN A 222 -8.38 -1.09 -27.17
C GLN A 222 -7.07 -1.39 -26.44
N GLN A 223 -6.68 -0.49 -25.54
CA GLN A 223 -5.45 -0.66 -24.78
C GLN A 223 -5.41 -2.02 -24.08
N GLU A 224 -4.21 -2.57 -23.98
CA GLU A 224 -4.03 -3.88 -23.36
C GLU A 224 -4.53 -4.01 -21.94
N ASP A 225 -4.10 -3.09 -21.07
CA ASP A 225 -4.50 -3.16 -19.67
C ASP A 225 -5.71 -2.35 -19.24
N ILE A 226 -6.52 -1.94 -20.21
CA ILE A 226 -7.74 -1.20 -19.91
C ILE A 226 -8.88 -2.16 -20.19
N ASP A 227 -9.65 -2.48 -19.15
CA ASP A 227 -10.74 -3.44 -19.25
C ASP A 227 -12.17 -2.88 -19.23
N GLY A 228 -12.33 -1.58 -19.45
CA GLY A 228 -13.66 -1.01 -19.44
C GLY A 228 -13.59 0.33 -18.78
N PHE A 229 -14.72 0.89 -18.38
CA PHE A 229 -14.69 2.20 -17.74
C PHE A 229 -15.80 2.49 -16.76
N LEU A 230 -15.62 3.58 -16.04
CA LEU A 230 -16.58 4.08 -15.08
C LEU A 230 -17.01 5.41 -15.68
N VAL A 231 -18.07 5.38 -16.48
CA VAL A 231 -18.56 6.57 -17.15
C VAL A 231 -19.34 7.51 -16.24
N GLY A 232 -19.11 8.82 -16.42
CA GLY A 232 -19.78 9.83 -15.64
C GLY A 232 -20.92 10.48 -16.38
N ASN A 233 -20.75 11.74 -16.77
CA ASN A 233 -21.82 12.45 -17.48
C ASN A 233 -22.34 11.76 -18.72
N ALA A 234 -21.45 11.09 -19.45
CA ALA A 234 -21.87 10.41 -20.66
C ALA A 234 -22.95 9.38 -20.35
N SER A 235 -22.87 8.76 -19.17
CA SER A 235 -23.85 7.76 -18.77
C SER A 235 -25.26 8.35 -18.54
N LEU A 236 -25.35 9.67 -18.53
CA LEU A 236 -26.65 10.34 -18.33
C LEU A 236 -27.36 10.57 -19.67
N LYS A 237 -26.68 10.22 -20.75
CA LYS A 237 -27.24 10.38 -22.10
C LYS A 237 -27.64 9.03 -22.64
N GLU A 238 -28.51 9.03 -23.65
CA GLU A 238 -28.95 7.78 -24.24
C GLU A 238 -27.83 7.23 -25.10
N SER A 239 -26.96 8.13 -25.58
CA SER A 239 -25.85 7.75 -26.43
C SER A 239 -24.87 6.88 -25.65
N PHE A 240 -25.16 6.66 -24.37
CA PHE A 240 -24.30 5.83 -23.53
C PHE A 240 -24.26 4.41 -24.08
N VAL A 241 -25.34 3.99 -24.75
CA VAL A 241 -25.39 2.64 -25.32
C VAL A 241 -24.24 2.40 -26.29
N ASP A 242 -23.78 3.45 -26.95
CA ASP A 242 -22.68 3.32 -27.90
C ASP A 242 -21.37 3.07 -27.18
N ILE A 243 -21.23 3.60 -25.97
CA ILE A 243 -20.02 3.37 -25.21
C ILE A 243 -20.01 1.89 -24.83
N ILE A 244 -21.19 1.32 -24.63
CA ILE A 244 -21.29 -0.09 -24.29
C ILE A 244 -20.91 -0.91 -25.50
N LYS A 245 -21.46 -0.53 -26.65
CA LYS A 245 -21.17 -1.24 -27.89
C LYS A 245 -19.67 -1.26 -28.15
N SER A 246 -18.96 -0.21 -27.75
CA SER A 246 -17.53 -0.16 -27.98
C SER A 246 -16.80 -1.26 -27.24
N ALA A 247 -17.46 -1.87 -26.26
CA ALA A 247 -16.82 -2.94 -25.50
C ALA A 247 -17.44 -4.30 -25.76
N MET A 248 -18.31 -4.38 -26.76
CA MET A 248 -18.90 -5.66 -27.12
C MET A 248 -17.98 -6.26 -28.18
N ARG B 3 -48.80 25.12 19.91
CA ARG B 3 -47.88 24.31 19.08
C ARG B 3 -48.31 22.86 18.93
N LYS B 4 -48.23 22.37 17.70
CA LYS B 4 -48.58 21.00 17.37
C LYS B 4 -47.38 20.15 17.77
N TYR B 5 -47.61 19.13 18.60
CA TYR B 5 -46.49 18.28 19.02
C TYR B 5 -45.87 17.54 17.85
N PHE B 6 -44.59 17.21 17.99
CA PHE B 6 -43.81 16.54 16.96
C PHE B 6 -43.09 15.32 17.55
N VAL B 7 -43.26 14.16 16.94
CA VAL B 7 -42.59 12.95 17.42
C VAL B 7 -41.91 12.28 16.23
N ALA B 8 -40.58 12.33 16.22
CA ALA B 8 -39.82 11.76 15.11
C ALA B 8 -39.10 10.47 15.46
N ALA B 9 -39.07 9.54 14.49
CA ALA B 9 -38.41 8.26 14.68
C ALA B 9 -37.20 8.21 13.76
N ASN B 10 -36.02 8.25 14.35
CA ASN B 10 -34.76 8.21 13.61
C ASN B 10 -34.18 6.80 13.68
N TRP B 11 -34.47 5.97 12.68
CA TRP B 11 -34.00 4.59 12.66
C TRP B 11 -32.50 4.46 12.47
N LYS B 12 -31.85 5.56 12.14
CA LYS B 12 -30.39 5.57 11.92
C LYS B 12 -30.01 4.48 10.93
N CYS B 13 -28.89 3.81 11.16
CA CYS B 13 -28.46 2.77 10.24
C CYS B 13 -28.87 1.39 10.74
N ASN B 14 -30.16 1.08 10.62
CA ASN B 14 -30.69 -0.18 11.07
C ASN B 14 -31.85 -0.61 10.21
N GLY B 15 -32.17 -1.90 10.27
CA GLY B 15 -33.31 -2.40 9.52
C GLY B 15 -33.02 -3.37 8.41
N THR B 16 -34.03 -4.19 8.13
CA THR B 16 -33.97 -5.18 7.07
C THR B 16 -35.35 -5.10 6.48
N LEU B 17 -35.51 -5.49 5.23
CA LEU B 17 -36.83 -5.42 4.60
C LEU B 17 -37.89 -6.06 5.49
N GLU B 18 -37.52 -7.14 6.18
CA GLU B 18 -38.46 -7.85 7.03
C GLU B 18 -38.80 -7.18 8.36
N SER B 19 -37.79 -6.76 9.11
CA SER B 19 -38.04 -6.11 10.38
C SER B 19 -38.89 -4.85 10.18
N ILE B 20 -38.65 -4.15 9.07
CA ILE B 20 -39.40 -2.95 8.77
C ILE B 20 -40.87 -3.25 8.51
N LYS B 21 -41.15 -4.34 7.80
CA LYS B 21 -42.52 -4.71 7.50
C LYS B 21 -43.26 -4.96 8.83
N SER B 22 -42.58 -5.64 9.73
CA SER B 22 -43.14 -5.97 11.02
C SER B 22 -43.34 -4.72 11.87
N LEU B 23 -42.31 -3.89 11.94
CA LEU B 23 -42.35 -2.67 12.73
C LEU B 23 -43.46 -1.71 12.26
N THR B 24 -43.57 -1.49 10.96
CA THR B 24 -44.59 -0.59 10.41
C THR B 24 -45.99 -1.14 10.67
N ASN B 25 -46.10 -2.45 10.68
CA ASN B 25 -47.38 -3.10 10.94
C ASN B 25 -47.88 -2.66 12.31
N SER B 26 -46.96 -2.57 13.27
CA SER B 26 -47.28 -2.15 14.62
C SER B 26 -47.68 -0.69 14.59
N PHE B 27 -46.79 0.13 14.07
CA PHE B 27 -47.03 1.56 13.97
C PHE B 27 -48.40 1.89 13.35
N ASN B 28 -48.73 1.20 12.26
CA ASN B 28 -50.00 1.41 11.58
C ASN B 28 -51.20 1.25 12.50
N ASN B 29 -51.13 0.30 13.43
CA ASN B 29 -52.22 0.04 14.34
C ASN B 29 -52.63 1.22 15.22
N LEU B 30 -51.66 1.99 15.69
CA LEU B 30 -51.97 3.14 16.53
C LEU B 30 -52.90 4.11 15.80
N ASP B 31 -53.99 4.46 16.46
CA ASP B 31 -54.99 5.35 15.89
C ASP B 31 -54.78 6.78 16.41
N PHE B 32 -54.41 7.68 15.51
CA PHE B 32 -54.20 9.07 15.93
C PHE B 32 -54.55 10.06 14.83
N ASP B 33 -54.87 11.28 15.23
CA ASP B 33 -55.22 12.33 14.28
C ASP B 33 -53.97 13.08 13.84
N PRO B 34 -53.61 12.97 12.55
CA PRO B 34 -52.42 13.65 12.03
C PRO B 34 -52.55 15.17 11.97
N SER B 35 -53.77 15.66 12.07
CA SER B 35 -53.97 17.11 12.03
C SER B 35 -53.69 17.68 13.41
N LYS B 36 -53.59 16.80 14.40
CA LYS B 36 -53.33 17.24 15.76
C LYS B 36 -51.91 16.89 16.24
N LEU B 37 -51.28 15.93 15.57
CA LEU B 37 -49.94 15.51 15.97
C LEU B 37 -49.06 15.13 14.79
N ASP B 38 -47.80 15.56 14.83
CA ASP B 38 -46.88 15.22 13.78
C ASP B 38 -46.03 14.02 14.21
N VAL B 39 -46.06 12.97 13.40
CA VAL B 39 -45.28 11.77 13.66
C VAL B 39 -44.55 11.49 12.37
N VAL B 40 -43.22 11.53 12.43
CA VAL B 40 -42.40 11.32 11.26
C VAL B 40 -41.40 10.20 11.46
N VAL B 41 -41.22 9.39 10.42
CA VAL B 41 -40.29 8.26 10.45
C VAL B 41 -39.11 8.46 9.49
N PHE B 42 -37.89 8.38 9.98
CA PHE B 42 -36.74 8.56 9.12
C PHE B 42 -35.96 7.27 8.89
N PRO B 43 -36.26 6.54 7.80
CA PRO B 43 -35.56 5.29 7.50
C PRO B 43 -34.29 5.54 6.72
N VAL B 44 -33.57 4.46 6.43
CA VAL B 44 -32.36 4.56 5.65
C VAL B 44 -32.81 4.91 4.23
N SER B 45 -32.02 5.73 3.55
CA SER B 45 -32.32 6.16 2.18
C SER B 45 -32.78 5.03 1.30
N VAL B 46 -32.00 3.96 1.21
CA VAL B 46 -32.34 2.81 0.38
C VAL B 46 -33.60 2.09 0.84
N HIS B 47 -34.10 2.45 2.03
CA HIS B 47 -35.31 1.85 2.58
C HIS B 47 -36.51 2.78 2.44
N TYR B 48 -36.26 4.01 2.00
CA TYR B 48 -37.33 5.00 1.89
C TYR B 48 -38.58 4.54 1.16
N ASP B 49 -38.46 4.12 -0.08
CA ASP B 49 -39.63 3.67 -0.82
C ASP B 49 -40.38 2.57 -0.08
N HIS B 50 -39.64 1.55 0.34
CA HIS B 50 -40.22 0.44 1.04
C HIS B 50 -41.04 0.90 2.24
N THR B 51 -40.41 1.68 3.12
CA THR B 51 -41.07 2.17 4.33
C THR B 51 -42.30 3.00 3.99
N ARG B 52 -42.16 3.92 3.04
CA ARG B 52 -43.25 4.78 2.61
C ARG B 52 -44.49 4.01 2.10
N LYS B 53 -44.26 2.90 1.40
CA LYS B 53 -45.37 2.10 0.89
C LYS B 53 -46.08 1.37 2.02
N LEU B 54 -45.35 1.05 3.09
CA LEU B 54 -45.94 0.33 4.22
C LEU B 54 -46.61 1.22 5.24
N LEU B 55 -46.07 2.41 5.47
CA LEU B 55 -46.67 3.31 6.43
C LEU B 55 -47.87 4.04 5.85
N GLN B 56 -48.96 4.09 6.61
CA GLN B 56 -50.18 4.77 6.21
C GLN B 56 -49.95 6.28 6.18
N SER B 57 -50.76 6.97 5.39
CA SER B 57 -50.69 8.41 5.22
C SER B 57 -50.55 9.22 6.52
N LYS B 58 -51.14 8.76 7.61
CA LYS B 58 -51.03 9.50 8.86
C LYS B 58 -49.58 9.70 9.27
N PHE B 59 -48.69 8.81 8.83
CA PHE B 59 -47.27 8.95 9.17
C PHE B 59 -46.52 9.69 8.07
N SER B 60 -45.65 10.63 8.46
CA SER B 60 -44.86 11.36 7.47
C SER B 60 -43.52 10.64 7.44
N THR B 61 -42.79 10.81 6.34
CA THR B 61 -41.49 10.17 6.23
C THR B 61 -40.47 11.19 5.73
N GLY B 62 -39.19 10.89 5.93
CA GLY B 62 -38.13 11.78 5.50
C GLY B 62 -36.82 11.03 5.48
N ILE B 63 -35.74 11.71 5.09
CA ILE B 63 -34.43 11.07 5.05
C ILE B 63 -33.48 11.65 6.11
N GLN B 64 -32.56 10.80 6.58
CA GLN B 64 -31.61 11.16 7.62
C GLN B 64 -30.57 12.21 7.28
N ASN B 65 -30.40 12.52 6.01
CA ASN B 65 -29.41 13.51 5.63
C ASN B 65 -29.67 14.04 4.23
N VAL B 66 -29.27 15.29 3.99
CA VAL B 66 -29.43 15.91 2.69
C VAL B 66 -28.12 16.61 2.32
N SER B 67 -27.83 16.67 1.02
CA SER B 67 -26.60 17.27 0.52
C SER B 67 -26.60 18.81 0.54
N LYS B 68 -25.43 19.41 0.66
CA LYS B 68 -25.33 20.87 0.67
C LYS B 68 -25.17 21.38 -0.75
N PHE B 69 -24.90 20.47 -1.69
CA PHE B 69 -24.75 20.84 -3.10
C PHE B 69 -26.04 20.49 -3.80
N GLY B 70 -26.22 20.97 -5.02
CA GLY B 70 -27.41 20.63 -5.76
C GLY B 70 -27.06 19.47 -6.67
N ASN B 71 -27.85 19.22 -7.71
CA ASN B 71 -27.55 18.13 -8.63
C ASN B 71 -26.18 18.37 -9.21
N GLY B 72 -25.52 17.30 -9.64
CA GLY B 72 -24.20 17.45 -10.21
C GLY B 72 -23.21 16.37 -9.82
N SER B 73 -21.92 16.64 -10.08
CA SER B 73 -20.86 15.68 -9.79
C SER B 73 -20.53 15.52 -8.31
N TYR B 74 -21.43 14.86 -7.59
CA TYR B 74 -21.22 14.63 -6.17
C TYR B 74 -21.59 13.21 -5.79
N THR B 75 -20.78 12.26 -6.27
CA THR B 75 -20.99 10.85 -6.02
C THR B 75 -21.31 10.52 -4.56
N GLY B 76 -22.41 9.81 -4.35
CA GLY B 76 -22.81 9.42 -3.00
C GLY B 76 -23.78 10.36 -2.32
N GLU B 77 -23.98 11.53 -2.90
CA GLU B 77 -24.87 12.52 -2.31
C GLU B 77 -26.28 12.46 -2.84
N VAL B 78 -27.19 13.03 -2.06
CA VAL B 78 -28.60 13.12 -2.40
C VAL B 78 -28.91 14.57 -2.21
N SER B 79 -29.43 15.21 -3.26
CA SER B 79 -29.74 16.63 -3.18
C SER B 79 -31.19 16.92 -2.80
N ALA B 80 -31.41 18.13 -2.30
CA ALA B 80 -32.74 18.57 -1.91
C ALA B 80 -33.65 18.47 -3.13
N GLU B 81 -33.10 18.77 -4.31
CA GLU B 81 -33.88 18.71 -5.53
C GLU B 81 -34.40 17.30 -5.80
N ILE B 82 -33.51 16.32 -5.69
CA ILE B 82 -33.90 14.94 -5.92
C ILE B 82 -34.93 14.54 -4.87
N ALA B 83 -34.73 15.02 -3.64
CA ALA B 83 -35.64 14.73 -2.54
C ALA B 83 -37.02 15.28 -2.86
N LYS B 84 -37.06 16.54 -3.29
CA LYS B 84 -38.31 17.18 -3.64
C LYS B 84 -39.08 16.38 -4.69
N ASP B 85 -38.38 16.01 -5.76
CA ASP B 85 -38.98 15.24 -6.85
C ASP B 85 -39.65 13.95 -6.38
N LEU B 86 -39.09 13.33 -5.34
CA LEU B 86 -39.64 12.09 -4.79
C LEU B 86 -40.70 12.37 -3.74
N ASN B 87 -40.97 13.65 -3.52
CA ASN B 87 -41.94 14.08 -2.53
C ASN B 87 -41.56 13.73 -1.09
N ILE B 88 -40.27 13.62 -0.82
CA ILE B 88 -39.80 13.35 0.54
C ILE B 88 -40.14 14.66 1.27
N GLU B 89 -40.77 14.54 2.43
CA GLU B 89 -41.20 15.71 3.19
C GLU B 89 -40.21 16.34 4.19
N TYR B 90 -39.56 15.53 5.02
CA TYR B 90 -38.62 16.05 5.99
C TYR B 90 -37.22 15.54 5.77
N VAL B 91 -36.26 16.22 6.41
CA VAL B 91 -34.85 15.82 6.36
C VAL B 91 -34.23 16.20 7.68
N ILE B 92 -33.25 15.43 8.14
CA ILE B 92 -32.57 15.74 9.39
C ILE B 92 -31.27 16.44 9.01
N ILE B 93 -30.95 17.52 9.71
CA ILE B 93 -29.72 18.25 9.44
C ILE B 93 -28.92 18.45 10.71
N GLY B 94 -27.63 18.18 10.64
CA GLY B 94 -26.74 18.38 11.78
C GLY B 94 -26.77 17.38 12.92
N HIS B 95 -27.23 16.16 12.67
CA HIS B 95 -27.25 15.19 13.75
C HIS B 95 -25.83 15.02 14.27
N PHE B 96 -25.67 15.02 15.59
CA PHE B 96 -24.33 14.93 16.16
C PHE B 96 -23.47 13.79 15.61
N GLU B 97 -24.11 12.69 15.23
CA GLU B 97 -23.34 11.56 14.68
C GLU B 97 -22.68 11.96 13.37
N ARG B 98 -23.28 12.88 12.64
CA ARG B 98 -22.66 13.29 11.39
C ARG B 98 -21.60 14.34 11.69
N ARG B 99 -21.83 15.13 12.73
CA ARG B 99 -20.88 16.17 13.12
C ARG B 99 -19.63 15.50 13.72
N LYS B 100 -19.84 14.37 14.36
CA LYS B 100 -18.76 13.63 15.00
C LYS B 100 -17.92 12.78 14.05
N TYR B 101 -18.56 11.87 13.34
CA TYR B 101 -17.84 10.99 12.44
C TYR B 101 -17.53 11.55 11.06
N PHE B 102 -18.33 12.51 10.62
CA PHE B 102 -18.11 13.06 9.29
C PHE B 102 -17.71 14.52 9.22
N HIS B 103 -17.36 15.06 10.39
CA HIS B 103 -16.90 16.43 10.53
C HIS B 103 -17.77 17.47 9.83
N GLU B 104 -19.08 17.30 9.92
CA GLU B 104 -20.02 18.24 9.33
C GLU B 104 -19.93 19.45 10.25
N THR B 105 -19.74 20.62 9.66
CA THR B 105 -19.62 21.85 10.44
C THR B 105 -20.89 22.71 10.40
N ASP B 106 -20.92 23.73 11.25
CA ASP B 106 -22.05 24.64 11.33
C ASP B 106 -22.29 25.33 10.01
N GLU B 107 -21.24 25.40 9.19
CA GLU B 107 -21.37 26.01 7.87
C GLU B 107 -22.17 25.00 7.01
N ASP B 108 -21.83 23.71 7.11
CA ASP B 108 -22.54 22.70 6.35
C ASP B 108 -24.01 22.73 6.73
N VAL B 109 -24.28 22.87 8.02
CA VAL B 109 -25.65 22.92 8.51
C VAL B 109 -26.43 24.06 7.86
N ARG B 110 -25.85 25.26 7.86
CA ARG B 110 -26.50 26.42 7.26
C ARG B 110 -26.79 26.17 5.78
N GLU B 111 -25.78 25.74 5.04
CA GLU B 111 -25.95 25.47 3.62
C GLU B 111 -26.98 24.38 3.36
N LYS B 112 -26.91 23.30 4.14
CA LYS B 112 -27.87 22.22 3.95
C LYS B 112 -29.27 22.74 4.18
N LEU B 113 -29.46 23.49 5.26
CA LEU B 113 -30.77 24.05 5.59
C LEU B 113 -31.27 24.95 4.46
N GLN B 114 -30.38 25.76 3.92
CA GLN B 114 -30.73 26.67 2.85
C GLN B 114 -31.21 25.91 1.62
N ALA B 115 -30.43 24.91 1.22
CA ALA B 115 -30.79 24.09 0.07
C ALA B 115 -32.16 23.47 0.32
N SER B 116 -32.38 22.98 1.54
CA SER B 116 -33.65 22.36 1.91
C SER B 116 -34.85 23.29 1.78
N LEU B 117 -34.77 24.45 2.41
CA LEU B 117 -35.86 25.41 2.37
C LEU B 117 -36.16 25.86 0.94
N LYS B 118 -35.11 26.11 0.16
CA LYS B 118 -35.28 26.54 -1.22
C LYS B 118 -36.09 25.52 -2.03
N ASN B 119 -36.03 24.25 -1.62
CA ASN B 119 -36.75 23.20 -2.34
C ASN B 119 -38.02 22.73 -1.66
N ASN B 120 -38.56 23.54 -0.75
CA ASN B 120 -39.79 23.21 -0.02
C ASN B 120 -39.74 21.92 0.78
N LEU B 121 -38.64 21.74 1.50
CA LEU B 121 -38.49 20.57 2.34
C LEU B 121 -38.58 21.09 3.77
N LYS B 122 -39.12 20.27 4.66
CA LYS B 122 -39.20 20.67 6.05
C LYS B 122 -37.92 20.12 6.69
N ALA B 123 -37.34 20.87 7.61
CA ALA B 123 -36.10 20.45 8.23
C ALA B 123 -36.11 20.26 9.73
N VAL B 124 -35.46 19.19 10.16
CA VAL B 124 -35.30 18.86 11.57
C VAL B 124 -33.82 19.17 11.82
N VAL B 125 -33.55 20.34 12.40
CA VAL B 125 -32.18 20.77 12.64
C VAL B 125 -31.69 20.41 14.04
N CYS B 126 -30.53 19.76 14.11
CA CYS B 126 -29.96 19.32 15.38
C CYS B 126 -28.73 20.08 15.84
N PHE B 127 -28.61 20.22 17.14
CA PHE B 127 -27.48 20.92 17.76
C PHE B 127 -27.44 20.53 19.24
N GLY B 128 -26.29 20.68 19.88
CA GLY B 128 -26.16 20.33 21.28
C GLY B 128 -24.74 20.47 21.76
N GLU B 129 -24.54 20.54 23.08
CA GLU B 129 -23.19 20.68 23.62
C GLU B 129 -22.63 19.33 24.05
N SER B 130 -21.30 19.25 24.07
CA SER B 130 -20.62 18.03 24.47
C SER B 130 -20.53 17.92 25.97
N LEU B 131 -19.97 16.81 26.46
CA LEU B 131 -19.82 16.60 27.89
C LEU B 131 -18.76 17.57 28.40
N GLU B 132 -17.70 17.74 27.63
CA GLU B 132 -16.61 18.61 28.00
C GLU B 132 -17.07 20.07 28.10
N GLN B 133 -17.87 20.51 27.14
CA GLN B 133 -18.36 21.88 27.14
C GLN B 133 -19.36 22.12 28.27
N ARG B 134 -20.07 21.07 28.67
CA ARG B 134 -21.04 21.23 29.74
C ARG B 134 -20.33 21.44 31.06
N GLU B 135 -19.25 20.69 31.26
CA GLU B 135 -18.49 20.79 32.49
C GLU B 135 -17.83 22.15 32.61
N GLN B 136 -17.53 22.76 31.48
CA GLN B 136 -16.92 24.09 31.48
C GLN B 136 -18.01 25.15 31.55
N ASN B 137 -19.25 24.70 31.75
CA ASN B 137 -20.40 25.60 31.87
C ASN B 137 -20.54 26.49 30.64
N LYS B 138 -20.28 25.91 29.46
CA LYS B 138 -20.36 26.64 28.21
C LYS B 138 -21.63 26.30 27.43
N THR B 139 -22.50 25.50 28.02
CA THR B 139 -23.74 25.08 27.38
C THR B 139 -24.49 26.17 26.63
N ILE B 140 -24.87 27.25 27.31
CA ILE B 140 -25.61 28.32 26.63
C ILE B 140 -24.77 28.96 25.54
N GLU B 141 -23.49 29.15 25.83
CA GLU B 141 -22.60 29.76 24.86
C GLU B 141 -22.55 28.95 23.56
N VAL B 142 -22.34 27.64 23.68
CA VAL B 142 -22.27 26.76 22.54
C VAL B 142 -23.57 26.75 21.73
N ILE B 143 -24.68 26.53 22.41
CA ILE B 143 -25.98 26.48 21.77
C ILE B 143 -26.29 27.76 21.00
N THR B 144 -26.04 28.90 21.62
CA THR B 144 -26.28 30.18 20.98
C THR B 144 -25.52 30.24 19.68
N LYS B 145 -24.25 29.85 19.72
CA LYS B 145 -23.42 29.88 18.52
C LYS B 145 -24.02 29.00 17.41
N GLN B 146 -24.28 27.74 17.75
CA GLN B 146 -24.84 26.81 16.79
C GLN B 146 -26.17 27.27 16.22
N VAL B 147 -27.05 27.77 17.07
CA VAL B 147 -28.35 28.25 16.57
C VAL B 147 -28.15 29.50 15.71
N LYS B 148 -27.37 30.46 16.21
CA LYS B 148 -27.12 31.68 15.46
C LYS B 148 -26.39 31.40 14.15
N ALA B 149 -26.17 30.13 13.84
CA ALA B 149 -25.48 29.76 12.61
C ALA B 149 -26.46 29.57 11.45
N PHE B 150 -27.75 29.44 11.75
CA PHE B 150 -28.74 29.24 10.69
C PHE B 150 -30.10 29.86 10.96
N VAL B 151 -30.34 30.25 12.20
CA VAL B 151 -31.64 30.80 12.56
C VAL B 151 -32.17 31.93 11.66
N ASP B 152 -31.28 32.75 11.10
CA ASP B 152 -31.75 33.83 10.23
C ASP B 152 -32.36 33.33 8.93
N LEU B 153 -31.99 32.12 8.50
CA LEU B 153 -32.52 31.56 7.27
C LEU B 153 -33.93 31.06 7.43
N ILE B 154 -34.43 31.02 8.65
CA ILE B 154 -35.78 30.51 8.87
C ILE B 154 -36.84 31.52 8.49
N ASP B 155 -37.65 31.15 7.50
CA ASP B 155 -38.73 32.01 6.99
C ASP B 155 -40.10 31.56 7.49
N ASN B 156 -40.39 30.28 7.36
CA ASN B 156 -41.66 29.74 7.83
C ASN B 156 -41.35 28.88 9.05
N PHE B 157 -41.76 29.34 10.22
CA PHE B 157 -41.47 28.63 11.47
C PHE B 157 -42.29 27.38 11.78
N ASP B 158 -42.98 26.86 10.78
CA ASP B 158 -43.77 25.65 10.94
C ASP B 158 -43.00 24.55 10.22
N ASN B 159 -42.10 24.97 9.33
CA ASN B 159 -41.31 24.05 8.53
C ASN B 159 -39.89 23.76 8.97
N VAL B 160 -39.50 24.26 10.13
CA VAL B 160 -38.18 23.98 10.66
C VAL B 160 -38.38 23.55 12.12
N ILE B 161 -37.92 22.35 12.45
CA ILE B 161 -38.08 21.86 13.81
C ILE B 161 -36.69 21.77 14.42
N LEU B 162 -36.48 22.45 15.54
CA LEU B 162 -35.18 22.44 16.21
C LEU B 162 -35.11 21.29 17.20
N VAL B 163 -33.95 20.65 17.30
CA VAL B 163 -33.76 19.54 18.22
C VAL B 163 -32.51 19.73 19.04
N TYR B 164 -32.68 19.67 20.36
CA TYR B 164 -31.55 19.82 21.26
C TYR B 164 -31.04 18.43 21.61
N GLU B 165 -29.81 18.15 21.25
CA GLU B 165 -29.20 16.85 21.51
C GLU B 165 -28.13 16.94 22.59
N PRO B 166 -28.52 16.85 23.87
CA PRO B 166 -27.48 16.93 24.89
C PRO B 166 -26.52 15.75 24.73
N LEU B 167 -25.45 16.00 23.97
CA LEU B 167 -24.44 14.97 23.69
C LEU B 167 -23.91 14.40 25.00
N PHE B 168 -23.66 15.29 25.95
CA PHE B 168 -23.13 14.90 27.25
C PHE B 168 -23.86 13.70 27.85
N ALA B 169 -25.19 13.77 27.93
CA ALA B 169 -25.98 12.70 28.50
C ALA B 169 -25.97 11.43 27.66
N ILE B 170 -25.73 11.56 26.35
CA ILE B 170 -25.72 10.40 25.47
C ILE B 170 -24.35 9.69 25.44
N GLY B 171 -24.27 8.54 26.11
CA GLY B 171 -23.04 7.77 26.13
C GLY B 171 -21.91 8.23 27.03
N THR B 172 -22.21 8.47 28.30
CA THR B 172 -21.19 8.90 29.25
C THR B 172 -21.57 8.45 30.68
N GLY B 173 -22.80 7.99 30.83
CA GLY B 173 -23.27 7.56 32.14
C GLY B 173 -23.96 8.72 32.85
N LYS B 174 -24.29 9.75 32.07
CA LYS B 174 -24.96 10.94 32.59
C LYS B 174 -26.45 10.87 32.24
N THR B 175 -27.26 11.69 32.92
CA THR B 175 -28.69 11.71 32.65
C THR B 175 -29.25 13.14 32.62
N ALA B 176 -29.96 13.46 31.54
CA ALA B 176 -30.54 14.79 31.40
C ALA B 176 -31.94 14.73 32.02
N THR B 177 -32.12 15.43 33.13
CA THR B 177 -33.41 15.45 33.80
C THR B 177 -34.37 16.42 33.10
N PRO B 178 -35.67 16.16 33.21
CA PRO B 178 -36.67 17.03 32.58
C PRO B 178 -36.42 18.51 32.89
N GLU B 179 -35.88 18.77 34.07
CA GLU B 179 -35.61 20.14 34.48
C GLU B 179 -34.45 20.74 33.69
N GLN B 180 -33.36 20.00 33.63
CA GLN B 180 -32.19 20.45 32.88
C GLN B 180 -32.53 20.77 31.43
N ALA B 181 -33.19 19.83 30.76
CA ALA B 181 -33.59 20.01 29.38
C ALA B 181 -34.51 21.22 29.24
N GLN B 182 -35.52 21.31 30.11
CA GLN B 182 -36.47 22.41 30.07
C GLN B 182 -35.79 23.78 30.19
N LEU B 183 -34.66 23.83 30.90
CA LEU B 183 -33.95 25.09 31.01
C LEU B 183 -33.39 25.49 29.66
N VAL B 184 -32.63 24.60 29.05
CA VAL B 184 -32.04 24.87 27.74
C VAL B 184 -33.12 25.19 26.70
N HIS B 185 -34.17 24.37 26.65
CA HIS B 185 -35.25 24.61 25.70
C HIS B 185 -35.79 26.03 25.85
N LYS B 186 -35.74 26.57 27.06
CA LYS B 186 -36.21 27.93 27.32
C LYS B 186 -35.24 28.93 26.72
N GLU B 187 -33.94 28.71 26.94
CA GLU B 187 -32.92 29.61 26.40
C GLU B 187 -32.91 29.61 24.87
N ILE B 188 -33.14 28.44 24.28
CA ILE B 188 -33.16 28.32 22.83
C ILE B 188 -34.33 29.13 22.29
N ARG B 189 -35.51 28.91 22.84
CA ARG B 189 -36.70 29.63 22.39
C ARG B 189 -36.53 31.15 22.55
N LYS B 190 -35.77 31.56 23.58
CA LYS B 190 -35.53 32.98 23.80
C LYS B 190 -34.59 33.53 22.75
N ILE B 191 -33.63 32.72 22.32
CA ILE B 191 -32.70 33.15 21.28
C ILE B 191 -33.47 33.39 20.00
N VAL B 192 -34.50 32.59 19.76
CA VAL B 192 -35.32 32.76 18.58
C VAL B 192 -36.16 34.02 18.73
N LYS B 193 -36.74 34.21 19.91
CA LYS B 193 -37.57 35.38 20.19
C LYS B 193 -36.81 36.69 19.95
N ASP B 194 -35.61 36.79 20.52
CA ASP B 194 -34.83 38.00 20.37
C ASP B 194 -34.30 38.23 18.96
N THR B 195 -34.16 37.17 18.17
CA THR B 195 -33.63 37.34 16.82
C THR B 195 -34.63 37.14 15.69
N CYS B 196 -35.83 36.67 16.01
CA CYS B 196 -36.86 36.45 14.98
C CYS B 196 -38.24 36.96 15.41
N GLY B 197 -38.38 37.38 16.66
CA GLY B 197 -39.68 37.87 17.11
C GLY B 197 -40.46 36.85 17.93
N GLU B 198 -41.44 37.32 18.69
CA GLU B 198 -42.25 36.45 19.52
C GLU B 198 -43.19 35.49 18.81
N LYS B 199 -44.03 35.99 17.92
CA LYS B 199 -44.95 35.13 17.21
C LYS B 199 -44.22 33.91 16.66
N GLN B 200 -42.98 34.12 16.22
CA GLN B 200 -42.16 33.04 15.67
C GLN B 200 -41.67 32.12 16.78
N ALA B 201 -41.01 32.70 17.78
CA ALA B 201 -40.50 31.93 18.90
C ALA B 201 -41.57 31.04 19.56
N ASN B 202 -42.79 31.54 19.65
CA ASN B 202 -43.88 30.78 20.26
C ASN B 202 -44.45 29.74 19.32
N GLN B 203 -44.13 29.86 18.04
CA GLN B 203 -44.64 28.97 17.01
C GLN B 203 -43.74 27.80 16.64
N ILE B 204 -42.44 28.00 16.70
CA ILE B 204 -41.49 26.95 16.34
C ILE B 204 -41.45 25.81 17.38
N ARG B 205 -41.28 24.58 16.91
CA ARG B 205 -41.20 23.43 17.82
C ARG B 205 -39.74 23.13 18.14
N ILE B 206 -39.48 22.84 19.41
CA ILE B 206 -38.11 22.54 19.85
C ILE B 206 -38.18 21.18 20.54
N LEU B 207 -37.65 20.16 19.88
CA LEU B 207 -37.66 18.80 20.40
C LEU B 207 -36.46 18.45 21.27
N TYR B 208 -36.63 17.43 22.11
CA TYR B 208 -35.56 16.95 22.98
C TYR B 208 -34.97 15.76 22.23
N GLY B 209 -33.64 15.72 22.13
CA GLY B 209 -32.99 14.65 21.40
C GLY B 209 -32.20 13.63 22.19
N GLY B 210 -32.03 13.83 23.49
CA GLY B 210 -31.30 12.86 24.29
C GLY B 210 -32.02 11.52 24.30
N SER B 211 -31.59 10.56 25.13
CA SER B 211 -32.25 9.25 25.18
C SER B 211 -33.70 9.35 25.66
N VAL B 212 -34.62 8.86 24.83
CA VAL B 212 -36.03 8.90 25.17
C VAL B 212 -36.55 7.46 25.16
N ASN B 213 -37.35 7.10 26.14
CA ASN B 213 -37.92 5.76 26.20
C ASN B 213 -39.32 5.86 26.79
N THR B 214 -40.02 4.73 26.84
CA THR B 214 -41.40 4.69 27.32
C THR B 214 -41.58 5.14 28.74
N GLU B 215 -40.51 5.17 29.51
CA GLU B 215 -40.62 5.56 30.91
C GLU B 215 -40.36 7.01 31.23
N ASN B 216 -39.49 7.67 30.47
CA ASN B 216 -39.19 9.07 30.74
C ASN B 216 -39.83 10.09 29.78
N CYS B 217 -40.43 9.61 28.71
CA CYS B 217 -41.07 10.49 27.74
C CYS B 217 -42.15 11.42 28.30
N SER B 218 -43.01 10.91 29.18
CA SER B 218 -44.08 11.72 29.74
C SER B 218 -43.58 12.91 30.55
N SER B 219 -42.63 12.68 31.45
CA SER B 219 -42.11 13.77 32.27
C SER B 219 -41.36 14.78 31.42
N LEU B 220 -41.02 14.40 30.20
CA LEU B 220 -40.32 15.29 29.31
C LEU B 220 -41.30 16.13 28.49
N ILE B 221 -42.25 15.48 27.84
CA ILE B 221 -43.22 16.19 27.02
C ILE B 221 -43.99 17.21 27.87
N GLN B 222 -44.09 16.94 29.18
CA GLN B 222 -44.81 17.83 30.09
C GLN B 222 -44.19 19.21 30.21
N GLN B 223 -42.88 19.28 30.07
CA GLN B 223 -42.16 20.55 30.17
C GLN B 223 -42.75 21.60 29.23
N GLU B 224 -42.71 22.84 29.68
CA GLU B 224 -43.28 23.94 28.89
C GLU B 224 -42.67 24.12 27.52
N ASP B 225 -41.35 24.20 27.46
CA ASP B 225 -40.69 24.41 26.19
C ASP B 225 -40.22 23.18 25.42
N ILE B 226 -40.75 22.02 25.78
CA ILE B 226 -40.41 20.79 25.07
C ILE B 226 -41.63 20.40 24.27
N ASP B 227 -41.49 20.38 22.95
CA ASP B 227 -42.60 20.09 22.06
C ASP B 227 -42.64 18.72 21.42
N GLY B 228 -41.82 17.79 21.90
CA GLY B 228 -41.82 16.47 21.31
C GLY B 228 -40.41 15.95 21.32
N PHE B 229 -40.12 14.91 20.54
CA PHE B 229 -38.77 14.37 20.51
C PHE B 229 -38.33 13.71 19.23
N LEU B 230 -37.03 13.46 19.17
CA LEU B 230 -36.39 12.78 18.06
C LEU B 230 -35.88 11.49 18.68
N VAL B 231 -36.68 10.44 18.62
CA VAL B 231 -36.33 9.16 19.21
C VAL B 231 -35.36 8.33 18.40
N GLY B 232 -34.42 7.70 19.11
CA GLY B 232 -33.42 6.87 18.48
C GLY B 232 -33.75 5.40 18.58
N ASN B 233 -32.96 4.65 19.35
CA ASN B 233 -33.19 3.21 19.49
C ASN B 233 -34.60 2.81 19.89
N ALA B 234 -35.24 3.61 20.74
CA ALA B 234 -36.59 3.31 21.18
C ALA B 234 -37.54 3.23 19.97
N SER B 235 -37.23 3.97 18.91
CA SER B 235 -38.07 3.97 17.72
C SER B 235 -37.95 2.67 16.91
N LEU B 236 -37.00 1.81 17.29
CA LEU B 236 -36.82 0.54 16.61
C LEU B 236 -37.65 -0.57 17.26
N LYS B 237 -38.38 -0.22 18.31
CA LYS B 237 -39.22 -1.17 19.02
C LYS B 237 -40.68 -0.87 18.77
N GLU B 238 -41.53 -1.87 18.93
CA GLU B 238 -42.96 -1.67 18.73
C GLU B 238 -43.53 -0.81 19.85
N SER B 239 -42.86 -0.83 20.99
CA SER B 239 -43.28 -0.05 22.15
C SER B 239 -43.14 1.45 21.88
N PHE B 240 -42.66 1.77 20.68
CA PHE B 240 -42.50 3.18 20.30
C PHE B 240 -43.87 3.86 20.25
N VAL B 241 -44.93 3.08 19.99
CA VAL B 241 -46.27 3.66 19.93
C VAL B 241 -46.65 4.33 21.24
N ASP B 242 -46.12 3.81 22.34
CA ASP B 242 -46.43 4.39 23.65
C ASP B 242 -45.80 5.76 23.77
N ILE B 243 -44.65 5.94 23.13
CA ILE B 243 -44.02 7.25 23.19
C ILE B 243 -44.90 8.22 22.41
N ILE B 244 -45.57 7.72 21.38
CA ILE B 244 -46.47 8.57 20.57
C ILE B 244 -47.63 8.94 21.49
N LYS B 245 -48.26 7.92 22.08
CA LYS B 245 -49.38 8.14 22.98
C LYS B 245 -49.05 9.17 24.06
N SER B 246 -47.81 9.18 24.52
CA SER B 246 -47.43 10.12 25.56
C SER B 246 -47.56 11.56 25.09
N ALA B 247 -47.71 11.76 23.79
CA ALA B 247 -47.84 13.11 23.27
C ALA B 247 -49.19 13.37 22.61
N MET B 248 -50.13 12.45 22.83
CA MET B 248 -51.46 12.63 22.27
C MET B 248 -52.29 13.33 23.34
N ARG C 3 2.24 7.15 16.21
CA ARG C 3 3.19 6.41 15.34
C ARG C 3 2.80 4.94 15.18
N LYS C 4 2.84 4.48 13.94
CA LYS C 4 2.50 3.11 13.59
C LYS C 4 3.71 2.24 13.95
N TYR C 5 3.51 1.24 14.80
CA TYR C 5 4.62 0.36 15.20
C TYR C 5 5.21 -0.37 14.03
N PHE C 6 6.48 -0.72 14.15
CA PHE C 6 7.24 -1.39 13.10
C PHE C 6 7.98 -2.59 13.70
N VAL C 7 7.82 -3.77 13.11
CA VAL C 7 8.50 -4.96 13.60
C VAL C 7 9.18 -5.62 12.42
N ALA C 8 10.51 -5.62 12.41
CA ALA C 8 11.25 -6.20 11.29
C ALA C 8 11.97 -7.48 11.63
N ALA C 9 11.99 -8.41 10.68
CA ALA C 9 12.66 -9.69 10.87
C ALA C 9 13.88 -9.73 9.97
N ASN C 10 15.07 -9.67 10.56
CA ASN C 10 16.32 -9.71 9.81
C ASN C 10 16.89 -11.12 9.88
N TRP C 11 16.59 -11.93 8.86
CA TRP C 11 17.06 -13.32 8.82
C TRP C 11 18.54 -13.46 8.62
N LYS C 12 19.21 -12.35 8.32
CA LYS C 12 20.66 -12.35 8.10
C LYS C 12 21.04 -13.42 7.09
N CYS C 13 22.16 -14.10 7.32
CA CYS C 13 22.59 -15.14 6.40
C CYS C 13 22.20 -16.53 6.91
N ASN C 14 20.92 -16.84 6.78
CA ASN C 14 20.39 -18.10 7.24
C ASN C 14 19.23 -18.55 6.37
N GLY C 15 18.89 -19.83 6.45
CA GLY C 15 17.75 -20.32 5.69
C GLY C 15 18.04 -21.28 4.57
N THR C 16 17.06 -22.14 4.33
CA THR C 16 17.12 -23.12 3.26
C THR C 16 15.74 -23.03 2.67
N LEU C 17 15.57 -23.44 1.42
CA LEU C 17 14.25 -23.38 0.80
C LEU C 17 13.18 -24.01 1.67
N GLU C 18 13.54 -25.11 2.33
CA GLU C 18 12.58 -25.83 3.16
C GLU C 18 12.24 -25.14 4.48
N SER C 19 13.26 -24.70 5.22
CA SER C 19 13.01 -24.05 6.49
C SER C 19 12.15 -22.80 6.29
N ILE C 20 12.41 -22.07 5.21
CA ILE C 20 11.65 -20.86 4.92
C ILE C 20 10.17 -21.15 4.66
N LYS C 21 9.89 -22.25 3.96
CA LYS C 21 8.52 -22.62 3.66
C LYS C 21 7.80 -22.85 5.00
N SER C 22 8.48 -23.58 5.87
CA SER C 22 7.94 -23.90 7.18
C SER C 22 7.75 -22.66 8.03
N LEU C 23 8.78 -21.82 8.08
CA LEU C 23 8.74 -20.59 8.87
C LEU C 23 7.63 -19.64 8.42
N THR C 24 7.54 -19.38 7.11
CA THR C 24 6.50 -18.48 6.59
C THR C 24 5.10 -19.04 6.84
N ASN C 25 5.00 -20.36 6.83
CA ASN C 25 3.74 -21.03 7.07
C ASN C 25 3.23 -20.64 8.46
N SER C 26 4.16 -20.51 9.41
CA SER C 26 3.82 -20.13 10.77
C SER C 26 3.40 -18.67 10.75
N PHE C 27 4.26 -17.83 10.20
CA PHE C 27 4.00 -16.39 10.12
C PHE C 27 2.63 -16.06 9.51
N ASN C 28 2.29 -16.74 8.42
CA ASN C 28 1.02 -16.51 7.75
C ASN C 28 -0.17 -16.67 8.68
N ASN C 29 -0.08 -17.63 9.59
CA ASN C 29 -1.16 -17.89 10.53
C ASN C 29 -1.55 -16.71 11.41
N LEU C 30 -0.58 -15.93 11.87
CA LEU C 30 -0.87 -14.78 12.71
C LEU C 30 -1.80 -13.82 11.98
N ASP C 31 -2.91 -13.49 12.61
CA ASP C 31 -3.91 -12.60 12.02
C ASP C 31 -3.71 -11.18 12.55
N PHE C 32 -3.37 -10.25 11.67
CA PHE C 32 -3.17 -8.87 12.09
C PHE C 32 -3.51 -7.87 11.00
N ASP C 33 -3.82 -6.65 11.40
CA ASP C 33 -4.17 -5.59 10.45
C ASP C 33 -2.91 -4.85 10.01
N PRO C 34 -2.54 -4.96 8.73
CA PRO C 34 -1.35 -4.29 8.22
C PRO C 34 -1.48 -2.77 8.14
N SER C 35 -2.70 -2.26 8.29
CA SER C 35 -2.90 -0.82 8.24
C SER C 35 -2.61 -0.23 9.61
N LYS C 36 -2.56 -1.10 10.61
CA LYS C 36 -2.30 -0.66 11.98
C LYS C 36 -0.89 -1.01 12.44
N LEU C 37 -0.26 -1.97 11.77
CA LEU C 37 1.08 -2.40 12.15
C LEU C 37 1.96 -2.77 10.96
N ASP C 38 3.23 -2.42 11.04
CA ASP C 38 4.14 -2.77 9.97
C ASP C 38 5.02 -3.92 10.39
N VAL C 39 5.02 -4.99 9.59
CA VAL C 39 5.82 -6.17 9.84
C VAL C 39 6.56 -6.45 8.55
N VAL C 40 7.89 -6.40 8.62
CA VAL C 40 8.70 -6.63 7.44
C VAL C 40 9.70 -7.75 7.63
N VAL C 41 9.87 -8.56 6.59
CA VAL C 41 10.79 -9.68 6.61
C VAL C 41 11.97 -9.47 5.64
N PHE C 42 13.19 -9.54 6.14
CA PHE C 42 14.34 -9.34 5.27
C PHE C 42 15.13 -10.63 5.07
N PRO C 43 14.84 -11.35 3.97
CA PRO C 43 15.55 -12.60 3.67
C PRO C 43 16.82 -12.37 2.88
N VAL C 44 17.52 -13.45 2.58
CA VAL C 44 18.74 -13.35 1.80
C VAL C 44 18.29 -13.01 0.39
N SER C 45 19.07 -12.18 -0.31
CA SER C 45 18.75 -11.75 -1.67
C SER C 45 18.29 -12.89 -2.56
N VAL C 46 19.07 -13.97 -2.64
CA VAL C 46 18.72 -15.11 -3.48
C VAL C 46 17.45 -15.84 -3.00
N HIS C 47 16.96 -15.48 -1.83
CA HIS C 47 15.75 -16.08 -1.27
C HIS C 47 14.55 -15.13 -1.41
N TYR C 48 14.81 -13.91 -1.87
CA TYR C 48 13.74 -12.93 -1.96
C TYR C 48 12.49 -13.36 -2.68
N ASP C 49 12.62 -13.80 -3.92
CA ASP C 49 11.45 -14.25 -4.67
C ASP C 49 10.69 -15.35 -3.91
N HIS C 50 11.43 -16.38 -3.51
CA HIS C 50 10.86 -17.50 -2.82
C HIS C 50 10.04 -17.05 -1.61
N THR C 51 10.66 -16.27 -0.72
CA THR C 51 10.00 -15.79 0.48
C THR C 51 8.76 -14.97 0.15
N ARG C 52 8.93 -14.03 -0.79
CA ARG C 52 7.83 -13.16 -1.23
C ARG C 52 6.59 -13.93 -1.73
N LYS C 53 6.79 -15.02 -2.46
CA LYS C 53 5.67 -15.80 -2.97
C LYS C 53 4.97 -16.55 -1.84
N LEU C 54 5.70 -16.82 -0.76
CA LEU C 54 5.12 -17.55 0.36
C LEU C 54 4.45 -16.69 1.41
N LEU C 55 4.98 -15.48 1.63
CA LEU C 55 4.38 -14.60 2.62
C LEU C 55 3.19 -13.88 2.01
N GLN C 56 2.10 -13.77 2.77
CA GLN C 56 0.89 -13.10 2.33
C GLN C 56 1.11 -11.59 2.31
N SER C 57 0.30 -10.90 1.54
CA SER C 57 0.36 -9.46 1.39
C SER C 57 0.49 -8.66 2.70
N LYS C 58 -0.10 -9.14 3.79
CA LYS C 58 0.01 -8.42 5.04
C LYS C 58 1.47 -8.23 5.45
N PHE C 59 2.35 -9.12 4.99
CA PHE C 59 3.76 -8.99 5.32
C PHE C 59 4.53 -8.24 4.24
N SER C 60 5.40 -7.32 4.65
CA SER C 60 6.22 -6.59 3.68
C SER C 60 7.55 -7.31 3.63
N THR C 61 8.29 -7.12 2.54
CA THR C 61 9.58 -7.76 2.40
C THR C 61 10.60 -6.74 1.91
N GLY C 62 11.88 -7.07 2.08
CA GLY C 62 12.93 -6.16 1.64
C GLY C 62 14.26 -6.89 1.66
N ILE C 63 15.33 -6.22 1.25
CA ILE C 63 16.65 -6.83 1.24
C ILE C 63 17.59 -6.24 2.30
N GLN C 64 18.52 -7.08 2.75
CA GLN C 64 19.47 -6.73 3.80
C GLN C 64 20.52 -5.67 3.46
N ASN C 65 20.66 -5.35 2.18
CA ASN C 65 21.67 -4.37 1.79
C ASN C 65 21.39 -3.84 0.40
N VAL C 66 21.83 -2.61 0.13
CA VAL C 66 21.65 -2.01 -1.17
C VAL C 66 22.95 -1.28 -1.55
N SER C 67 23.28 -1.29 -2.83
CA SER C 67 24.50 -0.67 -3.33
C SER C 67 24.50 0.86 -3.30
N LYS C 68 25.68 1.46 -3.16
CA LYS C 68 25.77 2.92 -3.13
C LYS C 68 25.94 3.45 -4.56
N PHE C 69 26.18 2.55 -5.51
CA PHE C 69 26.34 2.92 -6.91
C PHE C 69 25.03 2.54 -7.60
N GLY C 70 24.84 3.01 -8.83
CA GLY C 70 23.65 2.64 -9.55
C GLY C 70 24.00 1.51 -10.49
N ASN C 71 23.17 1.25 -11.50
CA ASN C 71 23.45 0.19 -12.46
C ASN C 71 24.82 0.45 -13.06
N GLY C 72 25.52 -0.61 -13.45
CA GLY C 72 26.84 -0.42 -14.02
C GLY C 72 27.83 -1.51 -13.66
N SER C 73 29.11 -1.24 -13.90
CA SER C 73 30.19 -2.19 -13.62
C SER C 73 30.53 -2.36 -12.14
N TYR C 74 29.64 -3.03 -11.41
CA TYR C 74 29.86 -3.26 -10.00
C TYR C 74 29.49 -4.69 -9.64
N THR C 75 30.31 -5.62 -10.11
CA THR C 75 30.11 -7.05 -9.86
C THR C 75 29.75 -7.37 -8.40
N GLY C 76 28.64 -8.09 -8.22
CA GLY C 76 28.22 -8.49 -6.89
C GLY C 76 27.27 -7.56 -6.18
N GLU C 77 27.07 -6.37 -6.72
CA GLU C 77 26.19 -5.39 -6.11
C GLU C 77 24.78 -5.46 -6.64
N VAL C 78 23.85 -4.91 -5.87
CA VAL C 78 22.45 -4.83 -6.24
C VAL C 78 22.14 -3.35 -6.07
N SER C 79 21.61 -2.73 -7.10
CA SER C 79 21.30 -1.31 -7.02
C SER C 79 19.86 -1.00 -6.65
N ALA C 80 19.64 0.22 -6.16
CA ALA C 80 18.32 0.66 -5.78
C ALA C 80 17.40 0.54 -6.99
N GLU C 81 17.94 0.79 -8.18
CA GLU C 81 17.15 0.70 -9.39
C GLU C 81 16.66 -0.72 -9.64
N ILE C 82 17.57 -1.68 -9.53
CA ILE C 82 17.23 -3.08 -9.73
C ILE C 82 16.13 -3.42 -8.72
N ALA C 83 16.33 -2.95 -7.50
CA ALA C 83 15.38 -3.17 -6.41
C ALA C 83 14.00 -2.62 -6.74
N LYS C 84 13.97 -1.36 -7.14
CA LYS C 84 12.71 -0.71 -7.49
C LYS C 84 11.96 -1.49 -8.57
N ASP C 85 12.67 -1.90 -9.59
CA ASP C 85 12.09 -2.67 -10.70
C ASP C 85 11.43 -3.98 -10.25
N LEU C 86 11.99 -4.60 -9.21
CA LEU C 86 11.44 -5.83 -8.67
C LEU C 86 10.40 -5.56 -7.62
N ASN C 87 10.20 -4.28 -7.33
CA ASN C 87 9.25 -3.84 -6.32
C ASN C 87 9.61 -4.17 -4.88
N ILE C 88 10.90 -4.33 -4.59
CA ILE C 88 11.33 -4.57 -3.21
C ILE C 88 10.91 -3.29 -2.50
N GLU C 89 10.33 -3.40 -1.31
CA GLU C 89 9.86 -2.23 -0.61
C GLU C 89 10.83 -1.58 0.39
N TYR C 90 11.50 -2.38 1.21
CA TYR C 90 12.44 -1.84 2.18
C TYR C 90 13.83 -2.39 1.97
N VAL C 91 14.81 -1.71 2.57
CA VAL C 91 16.20 -2.13 2.54
C VAL C 91 16.81 -1.77 3.87
N ILE C 92 17.77 -2.56 4.33
CA ILE C 92 18.44 -2.25 5.59
C ILE C 92 19.72 -1.53 5.20
N ILE C 93 20.06 -0.48 5.94
CA ILE C 93 21.27 0.26 5.64
C ILE C 93 22.09 0.51 6.90
N GLY C 94 23.39 0.24 6.81
CA GLY C 94 24.29 0.47 7.92
C GLY C 94 24.27 -0.53 9.06
N HIS C 95 23.80 -1.74 8.83
CA HIS C 95 23.78 -2.71 9.91
C HIS C 95 25.20 -2.86 10.43
N PHE C 96 25.38 -2.92 11.74
CA PHE C 96 26.72 -3.00 12.30
C PHE C 96 27.58 -4.13 11.75
N GLU C 97 26.96 -5.25 11.38
CA GLU C 97 27.71 -6.37 10.83
C GLU C 97 28.38 -5.99 9.52
N ARG C 98 27.82 -5.03 8.81
CA ARG C 98 28.43 -4.62 7.56
C ARG C 98 29.49 -3.56 7.85
N ARG C 99 29.27 -2.78 8.90
CA ARG C 99 30.21 -1.74 9.28
C ARG C 99 31.44 -2.41 9.87
N LYS C 100 31.24 -3.58 10.49
CA LYS C 100 32.32 -4.30 11.12
C LYS C 100 33.16 -5.17 10.18
N TYR C 101 32.51 -6.10 9.49
CA TYR C 101 33.23 -6.98 8.58
C TYR C 101 33.51 -6.42 7.21
N PHE C 102 32.76 -5.41 6.79
CA PHE C 102 32.96 -4.86 5.47
C PHE C 102 33.36 -3.40 5.40
N HIS C 103 33.68 -2.84 6.56
CA HIS C 103 34.14 -1.47 6.70
C HIS C 103 33.27 -0.44 5.98
N GLU C 104 31.96 -0.63 6.09
CA GLU C 104 31.00 0.29 5.50
C GLU C 104 31.09 1.49 6.40
N THR C 105 31.29 2.67 5.81
CA THR C 105 31.42 3.91 6.58
C THR C 105 30.15 4.77 6.56
N ASP C 106 30.14 5.79 7.41
CA ASP C 106 29.01 6.72 7.50
C ASP C 106 28.79 7.41 6.17
N GLU C 107 29.85 7.49 5.37
CA GLU C 107 29.74 8.08 4.05
C GLU C 107 28.94 7.10 3.19
N ASP C 108 29.27 5.81 3.28
CA ASP C 108 28.57 4.78 2.53
C ASP C 108 27.10 4.81 2.90
N VAL C 109 26.83 4.89 4.20
CA VAL C 109 25.45 4.92 4.70
C VAL C 109 24.67 6.06 4.06
N ARG C 110 25.27 7.25 4.07
CA ARG C 110 24.64 8.43 3.49
C ARG C 110 24.30 8.23 2.01
N GLU C 111 25.27 7.78 1.23
CA GLU C 111 25.07 7.55 -0.19
C GLU C 111 24.04 6.48 -0.46
N LYS C 112 24.11 5.39 0.29
CA LYS C 112 23.15 4.31 0.11
C LYS C 112 21.75 4.84 0.35
N LEU C 113 21.57 5.58 1.45
CA LEU C 113 20.28 6.14 1.77
C LEU C 113 19.77 7.03 0.65
N GLN C 114 20.66 7.85 0.10
CA GLN C 114 20.31 8.76 -0.96
C GLN C 114 19.86 8.01 -2.20
N ALA C 115 20.63 7.00 -2.59
CA ALA C 115 20.28 6.19 -3.75
C ALA C 115 18.90 5.57 -3.50
N SER C 116 18.68 5.07 -2.29
CA SER C 116 17.41 4.44 -1.94
C SER C 116 16.21 5.37 -2.05
N LEU C 117 16.30 6.53 -1.40
CA LEU C 117 15.20 7.48 -1.44
C LEU C 117 14.91 7.95 -2.86
N LYS C 118 15.97 8.17 -3.63
CA LYS C 118 15.81 8.61 -5.01
C LYS C 118 14.99 7.60 -5.84
N ASN C 119 15.02 6.33 -5.45
CA ASN C 119 14.28 5.30 -6.18
C ASN C 119 13.00 4.84 -5.50
N ASN C 120 12.51 5.63 -4.55
CA ASN C 120 11.29 5.31 -3.83
C ASN C 120 11.34 4.04 -3.01
N LEU C 121 12.46 3.82 -2.33
CA LEU C 121 12.60 2.66 -1.49
C LEU C 121 12.49 3.19 -0.06
N LYS C 122 11.99 2.36 0.84
CA LYS C 122 11.90 2.76 2.23
C LYS C 122 13.18 2.22 2.87
N ALA C 123 13.73 2.96 3.81
CA ALA C 123 14.97 2.55 4.42
C ALA C 123 14.95 2.34 5.92
N VAL C 124 15.61 1.27 6.34
CA VAL C 124 15.76 0.92 7.74
C VAL C 124 17.23 1.23 8.00
N VAL C 125 17.50 2.41 8.55
CA VAL C 125 18.88 2.84 8.81
C VAL C 125 19.37 2.49 10.20
N CYS C 126 20.53 1.85 10.27
CA CYS C 126 21.11 1.43 11.54
C CYS C 126 22.34 2.18 12.00
N PHE C 127 22.46 2.34 13.31
CA PHE C 127 23.60 3.02 13.92
C PHE C 127 23.63 2.62 15.40
N GLY C 128 24.79 2.78 16.04
CA GLY C 128 24.91 2.42 17.45
C GLY C 128 26.34 2.55 17.92
N GLU C 129 26.54 2.63 19.24
CA GLU C 129 27.89 2.77 19.77
C GLU C 129 28.46 1.43 20.21
N SER C 130 29.78 1.35 20.24
CA SER C 130 30.47 0.13 20.64
C SER C 130 30.57 0.02 22.16
N LEU C 131 31.10 -1.10 22.64
CA LEU C 131 31.25 -1.31 24.07
C LEU C 131 32.31 -0.34 24.59
N GLU C 132 33.38 -0.18 23.83
CA GLU C 132 34.46 0.70 24.20
C GLU C 132 34.00 2.14 24.29
N GLN C 133 33.21 2.57 23.30
CA GLN C 133 32.71 3.94 23.29
C GLN C 133 31.72 4.19 24.42
N ARG C 134 30.99 3.16 24.82
CA ARG C 134 30.03 3.31 25.89
C ARG C 134 30.75 3.53 27.21
N GLU C 135 31.80 2.77 27.43
CA GLU C 135 32.56 2.89 28.66
C GLU C 135 33.17 4.27 28.78
N GLN C 136 33.58 4.84 27.65
CA GLN C 136 34.16 6.17 27.65
C GLN C 136 33.06 7.24 27.73
N ASN C 137 31.82 6.79 27.91
CA ASN C 137 30.68 7.69 28.03
C ASN C 137 30.53 8.57 26.79
N LYS C 138 30.82 7.99 25.62
CA LYS C 138 30.73 8.72 24.36
C LYS C 138 29.45 8.38 23.60
N THR C 139 28.63 7.51 24.18
CA THR C 139 27.38 7.09 23.55
C THR C 139 26.61 8.17 22.80
N ILE C 140 26.30 9.28 23.47
CA ILE C 140 25.55 10.34 22.81
C ILE C 140 26.36 11.02 21.72
N GLU C 141 27.63 11.23 21.98
CA GLU C 141 28.50 11.86 21.00
C GLU C 141 28.53 11.06 19.71
N VAL C 142 28.73 9.74 19.83
CA VAL C 142 28.78 8.84 18.70
C VAL C 142 27.46 8.82 17.92
N ILE C 143 26.36 8.61 18.64
CA ILE C 143 25.04 8.57 18.04
C ILE C 143 24.75 9.82 17.21
N THR C 144 25.02 10.98 17.81
CA THR C 144 24.80 12.26 17.16
C THR C 144 25.55 12.32 15.85
N LYS C 145 26.83 11.95 15.89
CA LYS C 145 27.66 11.98 14.69
C LYS C 145 27.04 11.11 13.59
N GLN C 146 26.79 9.85 13.91
CA GLN C 146 26.21 8.93 12.95
C GLN C 146 24.89 9.40 12.39
N VAL C 147 23.99 9.86 13.24
CA VAL C 147 22.71 10.34 12.76
C VAL C 147 22.88 11.59 11.89
N LYS C 148 23.63 12.56 12.38
CA LYS C 148 23.87 13.79 11.64
C LYS C 148 24.56 13.53 10.30
N ALA C 149 24.95 12.28 10.07
CA ALA C 149 25.62 11.91 8.81
C ALA C 149 24.65 11.69 7.64
N PHE C 150 23.36 11.55 7.94
CA PHE C 150 22.40 11.32 6.87
C PHE C 150 21.03 11.93 7.11
N VAL C 151 20.76 12.32 8.35
CA VAL C 151 19.46 12.87 8.70
C VAL C 151 18.97 14.03 7.80
N ASP C 152 19.88 14.82 7.27
CA ASP C 152 19.44 15.92 6.41
C ASP C 152 18.78 15.43 5.13
N LEU C 153 19.13 14.22 4.68
CA LEU C 153 18.57 13.67 3.45
C LEU C 153 17.15 13.18 3.61
N ILE C 154 16.64 13.12 4.84
CA ILE C 154 15.29 12.62 5.04
C ILE C 154 14.22 13.63 4.65
N ASP C 155 13.41 13.26 3.66
CA ASP C 155 12.32 14.12 3.17
C ASP C 155 10.95 13.66 3.67
N ASN C 156 10.67 12.37 3.55
CA ASN C 156 9.41 11.82 4.02
C ASN C 156 9.73 10.96 5.24
N PHE C 157 9.28 11.41 6.41
CA PHE C 157 9.57 10.70 7.65
C PHE C 157 8.73 9.45 7.97
N ASP C 158 8.06 8.93 6.95
CA ASP C 158 7.28 7.71 7.10
C ASP C 158 8.04 6.63 6.37
N ASN C 159 8.98 7.05 5.52
CA ASN C 159 9.76 6.14 4.71
C ASN C 159 11.19 5.84 5.13
N VAL C 160 11.58 6.36 6.29
CA VAL C 160 12.93 6.07 6.81
C VAL C 160 12.72 5.65 8.26
N ILE C 161 13.18 4.45 8.60
CA ILE C 161 13.02 3.96 9.96
C ILE C 161 14.40 3.84 10.58
N LEU C 162 14.61 4.52 11.71
CA LEU C 162 15.91 4.50 12.37
C LEU C 162 15.97 3.34 13.36
N VAL C 163 17.13 2.72 13.48
CA VAL C 163 17.31 1.61 14.39
C VAL C 163 18.57 1.79 15.23
N TYR C 164 18.41 1.74 16.54
CA TYR C 164 19.53 1.89 17.43
C TYR C 164 20.03 0.49 17.79
N GLU C 165 21.27 0.21 17.41
CA GLU C 165 21.88 -1.08 17.68
C GLU C 165 22.96 -0.99 18.75
N PRO C 166 22.59 -1.13 20.03
CA PRO C 166 23.62 -1.04 21.06
C PRO C 166 24.61 -2.20 20.89
N LEU C 167 25.65 -1.97 20.10
CA LEU C 167 26.67 -2.98 19.83
C LEU C 167 27.23 -3.48 21.16
N PHE C 168 27.50 -2.54 22.05
CA PHE C 168 28.06 -2.83 23.37
C PHE C 168 27.39 -4.00 24.07
N ALA C 169 26.07 -4.08 24.00
CA ALA C 169 25.34 -5.16 24.65
C ALA C 169 25.41 -6.45 23.84
N ILE C 170 25.25 -6.34 22.53
CA ILE C 170 25.28 -7.52 21.67
C ILE C 170 26.63 -8.25 21.69
N GLY C 171 26.64 -9.45 22.27
CA GLY C 171 27.84 -10.27 22.35
C GLY C 171 29.02 -9.78 23.16
N THR C 172 28.80 -9.50 24.45
CA THR C 172 29.87 -9.04 25.34
C THR C 172 29.57 -9.47 26.77
N GLY C 173 28.35 -9.92 27.01
CA GLY C 173 27.95 -10.33 28.34
C GLY C 173 27.25 -9.18 29.04
N LYS C 174 26.87 -8.18 28.26
CA LYS C 174 26.18 -7.00 28.77
C LYS C 174 24.70 -7.06 28.40
N THR C 175 23.89 -6.22 29.04
CA THR C 175 22.45 -6.20 28.77
C THR C 175 21.87 -4.79 28.75
N ALA C 176 21.17 -4.46 27.67
CA ALA C 176 20.55 -3.14 27.56
C ALA C 176 19.16 -3.22 28.18
N THR C 177 18.95 -2.47 29.26
CA THR C 177 17.67 -2.47 29.92
C THR C 177 16.70 -1.50 29.24
N PRO C 178 15.40 -1.76 29.34
CA PRO C 178 14.39 -0.89 28.73
C PRO C 178 14.64 0.58 29.03
N GLU C 179 15.20 0.85 30.21
CA GLU C 179 15.48 2.22 30.60
C GLU C 179 16.64 2.81 29.84
N GLN C 180 17.74 2.06 29.77
CA GLN C 180 18.92 2.50 29.04
C GLN C 180 18.58 2.84 27.59
N ALA C 181 17.88 1.92 26.92
CA ALA C 181 17.49 2.14 25.53
C ALA C 181 16.56 3.35 25.41
N GLN C 182 15.57 3.44 26.29
CA GLN C 182 14.63 4.56 26.27
C GLN C 182 15.33 5.90 26.36
N LEU C 183 16.45 5.95 27.06
CA LEU C 183 17.20 7.19 27.19
C LEU C 183 17.76 7.59 25.84
N VAL C 184 18.49 6.68 25.19
CA VAL C 184 19.08 6.98 23.89
C VAL C 184 17.99 7.28 22.87
N HIS C 185 16.96 6.44 22.83
CA HIS C 185 15.86 6.66 21.89
C HIS C 185 15.29 8.07 22.04
N LYS C 186 15.37 8.62 23.24
CA LYS C 186 14.88 9.97 23.48
C LYS C 186 15.83 11.00 22.89
N GLU C 187 17.14 10.78 23.06
CA GLU C 187 18.14 11.70 22.53
C GLU C 187 18.15 11.71 21.01
N ILE C 188 17.95 10.54 20.40
CA ILE C 188 17.92 10.43 18.95
C ILE C 188 16.74 11.25 18.43
N ARG C 189 15.57 11.00 18.99
CA ARG C 189 14.37 11.72 18.58
C ARG C 189 14.55 13.23 18.76
N LYS C 190 15.33 13.61 19.77
CA LYS C 190 15.60 15.02 20.05
C LYS C 190 16.51 15.58 18.95
N ILE C 191 17.48 14.78 18.51
CA ILE C 191 18.38 15.22 17.45
C ILE C 191 17.60 15.44 16.16
N VAL C 192 16.58 14.63 15.93
CA VAL C 192 15.77 14.80 14.73
C VAL C 192 14.96 16.07 14.87
N LYS C 193 14.32 16.25 16.03
CA LYS C 193 13.52 17.44 16.29
C LYS C 193 14.30 18.73 16.06
N ASP C 194 15.46 18.84 16.69
CA ASP C 194 16.28 20.03 16.55
C ASP C 194 16.79 20.28 15.15
N THR C 195 16.96 19.22 14.36
CA THR C 195 17.48 19.40 13.00
C THR C 195 16.49 19.17 11.86
N CYS C 196 15.26 18.76 12.19
CA CYS C 196 14.26 18.53 11.15
C CYS C 196 12.87 19.04 11.54
N GLY C 197 12.69 19.44 12.79
CA GLY C 197 11.39 19.93 13.23
C GLY C 197 10.63 18.92 14.06
N GLU C 198 9.63 19.40 14.80
CA GLU C 198 8.83 18.54 15.66
C GLU C 198 7.89 17.56 14.96
N LYS C 199 7.03 18.07 14.09
CA LYS C 199 6.09 17.19 13.39
C LYS C 199 6.85 15.98 12.84
N GLN C 200 8.08 16.20 12.39
CA GLN C 200 8.90 15.13 11.85
C GLN C 200 9.39 14.21 12.96
N ALA C 201 10.02 14.79 13.98
CA ALA C 201 10.53 14.04 15.11
C ALA C 201 9.48 13.12 15.73
N ASN C 202 8.24 13.60 15.82
CA ASN C 202 7.16 12.81 16.40
C ASN C 202 6.61 11.78 15.44
N GLN C 203 6.98 11.91 14.16
CA GLN C 203 6.50 11.01 13.13
C GLN C 203 7.45 9.87 12.80
N ILE C 204 8.75 10.18 12.74
CA ILE C 204 9.78 9.18 12.45
C ILE C 204 9.70 8.07 13.51
N ARG C 205 10.01 6.83 13.12
CA ARG C 205 9.99 5.72 14.08
C ARG C 205 11.41 5.27 14.38
N ILE C 206 11.68 5.05 15.66
CA ILE C 206 13.01 4.62 16.08
C ILE C 206 12.89 3.26 16.73
N LEU C 207 13.47 2.25 16.10
CA LEU C 207 13.42 0.88 16.59
C LEU C 207 14.63 0.51 17.45
N TYR C 208 14.45 -0.48 18.32
CA TYR C 208 15.52 -0.98 19.16
C TYR C 208 16.06 -2.19 18.41
N GLY C 209 17.39 -2.25 18.25
CA GLY C 209 17.98 -3.35 17.50
C GLY C 209 18.87 -4.30 18.27
N GLY C 210 18.94 -4.18 19.59
CA GLY C 210 19.75 -5.10 20.36
C GLY C 210 19.02 -6.42 20.43
N SER C 211 19.48 -7.37 21.26
CA SER C 211 18.80 -8.68 21.36
C SER C 211 17.36 -8.53 21.83
N VAL C 212 16.44 -9.05 21.03
CA VAL C 212 15.02 -9.00 21.36
C VAL C 212 14.51 -10.43 21.33
N ASN C 213 13.71 -10.79 22.33
CA ASN C 213 13.14 -12.13 22.39
C ASN C 213 11.73 -12.06 22.96
N THR C 214 11.05 -13.20 22.99
CA THR C 214 9.68 -13.28 23.47
C THR C 214 9.48 -12.83 24.90
N GLU C 215 10.55 -12.75 25.66
CA GLU C 215 10.44 -12.37 27.06
C GLU C 215 10.67 -10.91 27.37
N ASN C 216 11.55 -10.25 26.62
CA ASN C 216 11.85 -8.86 26.89
C ASN C 216 11.21 -7.84 25.93
N CYS C 217 10.62 -8.33 24.85
CA CYS C 217 9.99 -7.45 23.87
C CYS C 217 8.91 -6.51 24.44
N SER C 218 8.08 -7.01 25.35
CA SER C 218 7.02 -6.19 25.92
C SER C 218 7.53 -5.01 26.73
N SER C 219 8.49 -5.23 27.61
CA SER C 219 9.02 -4.15 28.42
C SER C 219 9.77 -3.14 27.57
N LEU C 220 10.06 -3.51 26.34
CA LEU C 220 10.76 -2.60 25.44
C LEU C 220 9.78 -1.77 24.62
N ILE C 221 8.83 -2.43 23.97
CA ILE C 221 7.85 -1.74 23.15
C ILE C 221 7.09 -0.72 24.00
N GLN C 222 6.99 -0.99 25.30
CA GLN C 222 6.26 -0.11 26.22
C GLN C 222 6.89 1.27 26.37
N GLN C 223 8.20 1.35 26.23
CA GLN C 223 8.91 2.62 26.34
C GLN C 223 8.33 3.66 25.39
N GLU C 224 8.36 4.92 25.83
CA GLU C 224 7.80 6.01 25.06
C GLU C 224 8.39 6.18 23.66
N ASP C 225 9.71 6.27 23.59
CA ASP C 225 10.37 6.48 22.31
C ASP C 225 10.83 5.25 21.56
N ILE C 226 10.32 4.08 21.93
CA ILE C 226 10.68 2.85 21.23
C ILE C 226 9.44 2.45 20.43
N ASP C 227 9.58 2.41 19.12
CA ASP C 227 8.46 2.12 18.24
C ASP C 227 8.42 0.75 17.57
N GLY C 228 9.22 -0.18 18.07
CA GLY C 228 9.23 -1.50 17.46
C GLY C 228 10.65 -2.01 17.47
N PHE C 229 10.95 -3.04 16.69
CA PHE C 229 12.31 -3.56 16.68
C PHE C 229 12.74 -4.22 15.40
N LEU C 230 14.05 -4.48 15.34
CA LEU C 230 14.68 -5.16 14.24
C LEU C 230 15.19 -6.46 14.88
N VAL C 231 14.36 -7.49 14.84
CA VAL C 231 14.70 -8.76 15.44
C VAL C 231 15.69 -9.59 14.61
N GLY C 232 16.61 -10.24 15.32
CA GLY C 232 17.62 -11.05 14.67
C GLY C 232 17.29 -12.52 14.77
N ASN C 233 18.07 -13.27 15.55
CA ASN C 233 17.86 -14.72 15.68
C ASN C 233 16.44 -15.12 16.07
N ALA C 234 15.80 -14.31 16.90
CA ALA C 234 14.44 -14.63 17.32
C ALA C 234 13.51 -14.72 16.10
N SER C 235 13.79 -13.92 15.08
CA SER C 235 12.96 -13.94 13.87
C SER C 235 13.10 -15.24 13.07
N LEU C 236 14.06 -16.08 13.45
CA LEU C 236 14.27 -17.36 12.77
C LEU C 236 13.44 -18.48 13.41
N LYS C 237 12.74 -18.14 14.49
CA LYS C 237 11.91 -19.10 15.20
C LYS C 237 10.45 -18.80 14.92
N GLU C 238 9.59 -19.79 15.13
CA GLU C 238 8.15 -19.59 14.91
C GLU C 238 7.58 -18.73 16.02
N SER C 239 8.25 -18.75 17.17
CA SER C 239 7.82 -17.96 18.33
C SER C 239 7.95 -16.48 18.03
N PHE C 240 8.44 -16.14 16.84
CA PHE C 240 8.58 -14.75 16.45
C PHE C 240 7.20 -14.08 16.44
N VAL C 241 6.16 -14.86 16.14
CA VAL C 241 4.81 -14.31 16.09
C VAL C 241 4.43 -13.64 17.39
N ASP C 242 4.98 -14.12 18.49
CA ASP C 242 4.65 -13.55 19.80
C ASP C 242 5.31 -12.19 19.95
N ILE C 243 6.45 -11.99 19.32
CA ILE C 243 7.10 -10.70 19.40
C ILE C 243 6.24 -9.71 18.64
N ILE C 244 5.55 -10.19 17.61
CA ILE C 244 4.67 -9.33 16.82
C ILE C 244 3.45 -8.99 17.67
N LYS C 245 2.89 -10.01 18.31
CA LYS C 245 1.73 -9.80 19.16
C LYS C 245 2.02 -8.75 20.23
N SER C 246 3.26 -8.70 20.70
CA SER C 246 3.62 -7.73 21.73
C SER C 246 3.46 -6.31 21.25
N ALA C 247 3.39 -6.11 19.94
CA ALA C 247 3.24 -4.76 19.41
C ALA C 247 1.87 -4.53 18.79
N MET C 248 0.95 -5.47 18.98
CA MET C 248 -0.39 -5.29 18.46
C MET C 248 -1.15 -4.60 19.58
N ARG D 3 40.88 -29.62 -23.45
CA ARG D 3 40.09 -28.71 -22.56
C ARG D 3 38.79 -28.25 -23.20
N LYS D 4 37.73 -28.32 -22.41
CA LYS D 4 36.40 -27.92 -22.83
C LYS D 4 36.37 -26.38 -22.72
N TYR D 5 36.03 -25.68 -23.79
CA TYR D 5 35.99 -24.23 -23.73
C TYR D 5 34.95 -23.73 -22.75
N PHE D 6 35.21 -22.54 -22.21
CA PHE D 6 34.33 -21.92 -21.22
C PHE D 6 34.00 -20.47 -21.63
N VAL D 7 32.72 -20.14 -21.67
CA VAL D 7 32.30 -18.79 -22.02
C VAL D 7 31.32 -18.28 -20.98
N ALA D 8 31.76 -17.33 -20.17
CA ALA D 8 30.91 -16.80 -19.11
C ALA D 8 30.40 -15.41 -19.38
N ALA D 9 29.15 -15.17 -18.98
CA ALA D 9 28.53 -13.86 -19.13
C ALA D 9 28.32 -13.24 -17.76
N ASN D 10 29.09 -12.20 -17.46
CA ASN D 10 28.99 -11.49 -16.20
C ASN D 10 28.17 -10.21 -16.39
N TRP D 11 26.86 -10.29 -16.11
CA TRP D 11 25.98 -9.14 -16.27
C TRP D 11 26.24 -8.00 -15.29
N LYS D 12 27.06 -8.26 -14.29
CA LYS D 12 27.40 -7.25 -13.29
C LYS D 12 26.12 -6.68 -12.69
N CYS D 13 26.11 -5.39 -12.43
CA CYS D 13 24.92 -4.77 -11.84
C CYS D 13 24.06 -4.11 -12.91
N ASN D 14 23.35 -4.93 -13.68
CA ASN D 14 22.51 -4.44 -14.76
C ASN D 14 21.33 -5.33 -14.96
N GLY D 15 20.31 -4.80 -15.61
CA GLY D 15 19.14 -5.59 -15.90
C GLY D 15 17.84 -5.19 -15.24
N THR D 16 16.75 -5.56 -15.90
CA THR D 16 15.40 -5.32 -15.42
C THR D 16 14.67 -6.59 -15.78
N LEU D 17 13.61 -6.90 -15.07
CA LEU D 17 12.87 -8.13 -15.37
C LEU D 17 12.60 -8.27 -16.86
N GLU D 18 12.32 -7.14 -17.50
CA GLU D 18 12.00 -7.14 -18.92
C GLU D 18 13.17 -7.35 -19.88
N SER D 19 14.25 -6.60 -19.69
CA SER D 19 15.40 -6.72 -20.56
C SER D 19 15.95 -8.14 -20.49
N ILE D 20 15.88 -8.74 -19.31
CA ILE D 20 16.38 -10.09 -19.13
C ILE D 20 15.54 -11.11 -19.90
N LYS D 21 14.22 -10.91 -19.92
CA LYS D 21 13.34 -11.82 -20.63
C LYS D 21 13.71 -11.79 -22.10
N SER D 22 13.94 -10.57 -22.59
CA SER D 22 14.31 -10.39 -23.98
C SER D 22 15.67 -10.97 -24.32
N LEU D 23 16.64 -10.68 -23.47
CA LEU D 23 18.00 -11.16 -23.67
C LEU D 23 18.10 -12.67 -23.68
N THR D 24 17.46 -13.32 -22.70
CA THR D 24 17.48 -14.79 -22.60
C THR D 24 16.80 -15.44 -23.80
N ASN D 25 15.79 -14.75 -24.32
CA ASN D 25 15.05 -15.23 -25.48
C ASN D 25 16.01 -15.38 -26.64
N SER D 26 16.94 -14.43 -26.76
CA SER D 26 17.95 -14.46 -27.80
C SER D 26 18.89 -15.63 -27.55
N PHE D 27 19.48 -15.63 -26.35
CA PHE D 27 20.43 -16.66 -25.95
C PHE D 27 19.86 -18.04 -26.19
N ASN D 28 18.60 -18.26 -25.81
CA ASN D 28 17.97 -19.57 -25.98
C ASN D 28 18.01 -20.08 -27.41
N ASN D 29 17.87 -19.15 -28.37
CA ASN D 29 17.87 -19.51 -29.78
C ASN D 29 19.14 -20.19 -30.26
N LEU D 30 20.29 -19.76 -29.77
CA LEU D 30 21.55 -20.38 -30.19
C LEU D 30 21.53 -21.88 -29.88
N ASP D 31 21.84 -22.68 -30.89
CA ASP D 31 21.87 -24.13 -30.75
C ASP D 31 23.29 -24.63 -30.54
N PHE D 32 23.57 -25.17 -29.37
CA PHE D 32 24.90 -25.67 -29.08
C PHE D 32 24.89 -26.87 -28.15
N ASP D 33 25.95 -27.67 -28.22
CA ASP D 33 26.05 -28.87 -27.38
C ASP D 33 26.74 -28.52 -26.07
N PRO D 34 26.01 -28.63 -24.95
CA PRO D 34 26.57 -28.31 -23.63
C PRO D 34 27.63 -29.29 -23.15
N SER D 35 27.67 -30.47 -23.77
CA SER D 35 28.66 -31.47 -23.38
C SER D 35 30.00 -31.12 -24.04
N LYS D 36 29.96 -30.21 -25.01
CA LYS D 36 31.17 -29.80 -25.70
C LYS D 36 31.63 -28.40 -25.34
N LEU D 37 30.72 -27.59 -24.79
CA LEU D 37 31.05 -26.22 -24.45
C LEU D 37 30.36 -25.74 -23.18
N ASP D 38 31.08 -25.03 -22.34
CA ASP D 38 30.50 -24.49 -21.12
C ASP D 38 30.14 -23.04 -21.35
N VAL D 39 28.87 -22.72 -21.12
CA VAL D 39 28.37 -21.36 -21.25
C VAL D 39 27.63 -21.08 -19.95
N VAL D 40 28.13 -20.10 -19.21
CA VAL D 40 27.54 -19.74 -17.93
C VAL D 40 27.13 -18.27 -17.89
N VAL D 41 25.98 -18.02 -17.25
CA VAL D 41 25.43 -16.67 -17.12
C VAL D 41 25.36 -16.24 -15.65
N PHE D 42 25.98 -15.12 -15.32
CA PHE D 42 25.97 -14.65 -13.94
C PHE D 42 25.14 -13.41 -13.76
N PRO D 43 23.86 -13.59 -13.36
CA PRO D 43 22.97 -12.44 -13.16
C PRO D 43 23.10 -11.90 -11.76
N VAL D 44 22.34 -10.84 -11.47
CA VAL D 44 22.32 -10.24 -10.16
C VAL D 44 21.61 -11.25 -9.26
N SER D 45 22.06 -11.36 -8.01
CA SER D 45 21.48 -12.29 -7.05
C SER D 45 19.96 -12.30 -7.07
N VAL D 46 19.37 -11.12 -6.90
CA VAL D 46 17.93 -10.97 -6.88
C VAL D 46 17.26 -11.34 -8.20
N HIS D 47 18.06 -11.53 -9.23
CA HIS D 47 17.59 -11.90 -10.57
C HIS D 47 17.85 -13.38 -10.85
N TYR D 48 18.56 -14.05 -9.96
CA TYR D 48 18.89 -15.44 -10.18
C TYR D 48 17.73 -16.36 -10.54
N ASP D 49 16.70 -16.41 -9.71
CA ASP D 49 15.56 -17.29 -10.00
C ASP D 49 14.95 -16.97 -11.34
N HIS D 50 14.68 -15.70 -11.56
CA HIS D 50 14.09 -15.25 -12.80
C HIS D 50 14.89 -15.71 -14.02
N THR D 51 16.18 -15.41 -14.02
CA THR D 51 17.04 -15.79 -15.14
C THR D 51 17.08 -17.30 -15.33
N ARG D 52 17.20 -18.03 -14.23
CA ARG D 52 17.27 -19.49 -14.26
C ARG D 52 16.01 -20.13 -14.87
N LYS D 53 14.86 -19.54 -14.61
CA LYS D 53 13.60 -20.07 -15.16
C LYS D 53 13.50 -19.81 -16.66
N LEU D 54 14.12 -18.74 -17.13
CA LEU D 54 14.08 -18.39 -18.54
C LEU D 54 15.14 -19.05 -19.39
N LEU D 55 16.33 -19.27 -18.83
CA LEU D 55 17.39 -19.92 -19.59
C LEU D 55 17.22 -21.43 -19.63
N GLN D 56 17.37 -22.02 -20.82
CA GLN D 56 17.25 -23.45 -21.00
C GLN D 56 18.42 -24.16 -20.34
N SER D 57 18.20 -25.43 -20.01
CA SER D 57 19.21 -26.26 -19.37
C SER D 57 20.62 -26.18 -19.96
N LYS D 58 20.74 -25.98 -21.26
CA LYS D 58 22.06 -25.92 -21.88
C LYS D 58 22.91 -24.82 -21.24
N PHE D 59 22.25 -23.78 -20.71
CA PHE D 59 22.99 -22.69 -20.07
C PHE D 59 23.13 -22.93 -18.56
N SER D 60 24.32 -22.72 -18.03
CA SER D 60 24.54 -22.87 -16.60
C SER D 60 24.40 -21.47 -16.01
N THR D 61 24.12 -21.39 -14.73
CA THR D 61 23.98 -20.08 -14.09
C THR D 61 24.77 -20.07 -12.80
N GLY D 62 25.06 -18.88 -12.30
CA GLY D 62 25.80 -18.76 -11.05
C GLY D 62 25.65 -17.37 -10.50
N ILE D 63 26.26 -17.09 -9.35
CA ILE D 63 26.18 -15.75 -8.76
C ILE D 63 27.53 -15.01 -8.79
N GLN D 64 27.45 -13.70 -8.89
CA GLN D 64 28.63 -12.84 -8.97
C GLN D 64 29.54 -12.76 -7.74
N ASN D 65 29.07 -13.29 -6.61
CA ASN D 65 29.90 -13.23 -5.42
C ASN D 65 29.39 -14.20 -4.36
N VAL D 66 30.30 -14.70 -3.54
CA VAL D 66 29.94 -15.61 -2.47
C VAL D 66 30.64 -15.15 -1.19
N SER D 67 30.03 -15.41 -0.05
CA SER D 67 30.58 -15.01 1.26
C SER D 67 31.72 -15.90 1.75
N LYS D 68 32.61 -15.33 2.57
CA LYS D 68 33.73 -16.09 3.12
C LYS D 68 33.33 -16.76 4.44
N PHE D 69 32.18 -16.34 4.97
CA PHE D 69 31.67 -16.90 6.21
C PHE D 69 30.57 -17.90 5.82
N GLY D 70 30.15 -18.72 6.78
CA GLY D 70 29.09 -19.67 6.50
C GLY D 70 27.81 -19.04 7.00
N ASN D 71 26.76 -19.84 7.20
CA ASN D 71 25.51 -19.29 7.69
C ASN D 71 25.78 -18.60 9.01
N GLY D 72 24.93 -17.63 9.37
CA GLY D 72 25.13 -16.92 10.61
C GLY D 72 24.85 -15.43 10.56
N SER D 73 25.29 -14.71 11.59
CA SER D 73 25.08 -13.27 11.70
C SER D 73 25.93 -12.43 10.74
N TYR D 74 25.59 -12.48 9.46
CA TYR D 74 26.34 -11.72 8.47
C TYR D 74 25.38 -11.06 7.49
N THR D 75 24.66 -10.06 8.01
CA THR D 75 23.69 -9.31 7.23
C THR D 75 24.21 -8.88 5.87
N GLY D 76 23.46 -9.22 4.83
CA GLY D 76 23.84 -8.84 3.47
C GLY D 76 24.65 -9.86 2.70
N GLU D 77 25.12 -10.90 3.39
CA GLU D 77 25.92 -11.92 2.75
C GLU D 77 25.10 -13.10 2.30
N VAL D 78 25.69 -13.85 1.38
CA VAL D 78 25.12 -15.08 0.82
C VAL D 78 26.23 -16.10 1.00
N SER D 79 25.94 -17.19 1.69
CA SER D 79 26.93 -18.22 1.91
C SER D 79 26.92 -19.34 0.88
N ALA D 80 28.04 -20.03 0.78
CA ALA D 80 28.17 -21.14 -0.15
C ALA D 80 27.10 -22.18 0.18
N GLU D 81 26.79 -22.33 1.47
CA GLU D 81 25.78 -23.29 1.90
C GLU D 81 24.42 -22.95 1.31
N ILE D 82 24.03 -21.69 1.42
CA ILE D 82 22.75 -21.26 0.89
C ILE D 82 22.75 -21.44 -0.61
N ALA D 83 23.89 -21.14 -1.23
CA ALA D 83 24.04 -21.28 -2.68
C ALA D 83 23.82 -22.76 -3.07
N LYS D 84 24.50 -23.66 -2.37
CA LYS D 84 24.38 -25.08 -2.63
C LYS D 84 22.94 -25.55 -2.58
N ASP D 85 22.23 -25.16 -1.53
CA ASP D 85 20.82 -25.53 -1.31
C ASP D 85 19.92 -25.13 -2.47
N LEU D 86 20.23 -24.00 -3.12
CA LEU D 86 19.47 -23.52 -4.26
C LEU D 86 19.98 -24.11 -5.57
N ASN D 87 20.98 -24.98 -5.48
CA ASN D 87 21.58 -25.60 -6.64
C ASN D 87 22.27 -24.65 -7.59
N ILE D 88 22.76 -23.52 -7.05
CA ILE D 88 23.52 -22.56 -7.87
C ILE D 88 24.82 -23.30 -8.16
N GLU D 89 25.22 -23.33 -9.42
CA GLU D 89 26.41 -24.07 -9.83
C GLU D 89 27.76 -23.38 -9.78
N TYR D 90 27.84 -22.16 -10.29
CA TYR D 90 29.12 -21.43 -10.27
C TYR D 90 29.05 -20.16 -9.44
N VAL D 91 30.22 -19.62 -9.12
CA VAL D 91 30.34 -18.38 -8.38
C VAL D 91 31.60 -17.68 -8.86
N ILE D 92 31.59 -16.35 -8.87
CA ILE D 92 32.78 -15.61 -9.29
C ILE D 92 33.49 -15.17 -8.02
N ILE D 93 34.81 -15.33 -7.98
CA ILE D 93 35.58 -14.93 -6.82
C ILE D 93 36.73 -14.01 -7.22
N GLY D 94 36.90 -12.92 -6.46
CA GLY D 94 37.98 -11.99 -6.70
C GLY D 94 37.91 -11.08 -7.90
N HIS D 95 36.72 -10.79 -8.41
CA HIS D 95 36.61 -9.88 -9.55
C HIS D 95 37.24 -8.55 -9.14
N PHE D 96 38.07 -7.98 -10.02
CA PHE D 96 38.76 -6.74 -9.68
C PHE D 96 37.85 -5.64 -9.16
N GLU D 97 36.61 -5.59 -9.62
CA GLU D 97 35.71 -4.55 -9.14
C GLU D 97 35.43 -4.73 -7.66
N ARG D 98 35.49 -5.95 -7.16
CA ARG D 98 35.25 -6.14 -5.74
C ARG D 98 36.55 -5.85 -4.97
N ARG D 99 37.67 -6.13 -5.61
CA ARG D 99 38.98 -5.91 -5.01
C ARG D 99 39.22 -4.40 -4.93
N LYS D 100 38.67 -3.68 -5.88
CA LYS D 100 38.84 -2.23 -5.97
C LYS D 100 37.92 -1.43 -5.06
N TYR D 101 36.62 -1.61 -5.22
CA TYR D 101 35.66 -0.87 -4.42
C TYR D 101 35.36 -1.43 -3.04
N PHE D 102 35.56 -2.72 -2.87
CA PHE D 102 35.25 -3.32 -1.57
C PHE D 102 36.43 -3.88 -0.81
N HIS D 103 37.63 -3.56 -1.29
CA HIS D 103 38.88 -3.96 -0.67
C HIS D 103 38.98 -5.45 -0.31
N GLU D 104 38.49 -6.28 -1.22
CA GLU D 104 38.54 -7.72 -1.03
C GLU D 104 40.02 -8.07 -1.25
N THR D 105 40.60 -8.79 -0.30
CA THR D 105 42.02 -9.15 -0.39
C THR D 105 42.23 -10.60 -0.82
N ASP D 106 43.49 -10.93 -1.11
CA ASP D 106 43.86 -12.27 -1.53
C ASP D 106 43.50 -13.28 -0.46
N GLU D 107 43.39 -12.80 0.77
CA GLU D 107 43.02 -13.69 1.86
C GLU D 107 41.53 -14.00 1.69
N ASP D 108 40.74 -12.98 1.39
CA ASP D 108 39.30 -13.17 1.18
C ASP D 108 39.07 -14.17 0.05
N VAL D 109 39.85 -14.03 -1.02
CA VAL D 109 39.76 -14.91 -2.17
C VAL D 109 39.97 -16.37 -1.76
N ARG D 110 41.04 -16.62 -1.00
CA ARG D 110 41.37 -17.97 -0.54
C ARG D 110 40.20 -18.53 0.28
N GLU D 111 39.78 -17.79 1.29
CA GLU D 111 38.69 -18.22 2.13
C GLU D 111 37.40 -18.43 1.35
N LYS D 112 37.07 -17.51 0.46
CA LYS D 112 35.87 -17.67 -0.33
C LYS D 112 35.98 -18.95 -1.16
N LEU D 113 37.11 -19.14 -1.83
CA LEU D 113 37.32 -20.34 -2.63
C LEU D 113 37.15 -21.61 -1.81
N GLN D 114 37.70 -21.59 -0.60
CA GLN D 114 37.63 -22.73 0.28
C GLN D 114 36.20 -23.06 0.64
N ALA D 115 35.46 -22.05 1.05
CA ALA D 115 34.07 -22.22 1.41
C ALA D 115 33.31 -22.79 0.22
N SER D 116 33.63 -22.29 -0.98
CA SER D 116 32.95 -22.74 -2.20
C SER D 116 33.20 -24.21 -2.50
N LEU D 117 34.47 -24.61 -2.51
CA LEU D 117 34.81 -25.99 -2.82
C LEU D 117 34.22 -26.96 -1.81
N LYS D 118 34.24 -26.56 -0.53
CA LYS D 118 33.71 -27.40 0.52
C LYS D 118 32.23 -27.70 0.29
N ASN D 119 31.54 -26.80 -0.39
CA ASN D 119 30.12 -26.97 -0.65
C ASN D 119 29.76 -27.41 -2.06
N ASN D 120 30.74 -27.98 -2.76
CA ASN D 120 30.55 -28.46 -4.13
C ASN D 120 30.09 -27.41 -5.12
N LEU D 121 30.70 -26.24 -5.05
CA LEU D 121 30.37 -25.17 -5.99
C LEU D 121 31.57 -25.04 -6.90
N LYS D 122 31.33 -24.70 -8.16
CA LYS D 122 32.42 -24.53 -9.10
C LYS D 122 32.78 -23.05 -9.00
N ALA D 123 34.06 -22.74 -9.10
CA ALA D 123 34.50 -21.37 -8.95
C ALA D 123 35.26 -20.74 -10.11
N VAL D 124 34.89 -19.50 -10.43
CA VAL D 124 35.54 -18.72 -11.46
C VAL D 124 36.38 -17.71 -10.66
N VAL D 125 37.68 -17.97 -10.54
CA VAL D 125 38.57 -17.12 -9.77
C VAL D 125 39.28 -16.09 -10.62
N CYS D 126 39.21 -14.84 -10.20
CA CYS D 126 39.81 -13.73 -10.95
C CYS D 126 41.02 -13.11 -10.31
N PHE D 127 41.96 -12.68 -11.16
CA PHE D 127 43.19 -12.04 -10.72
C PHE D 127 43.79 -11.31 -11.92
N GLY D 128 44.63 -10.30 -11.65
CA GLY D 128 45.25 -9.54 -12.72
C GLY D 128 46.07 -8.39 -12.18
N GLU D 129 46.96 -7.85 -13.00
CA GLU D 129 47.80 -6.73 -12.56
C GLU D 129 47.23 -5.38 -13.01
N SER D 130 47.60 -4.35 -12.27
CA SER D 130 47.13 -3.00 -12.55
C SER D 130 47.95 -2.39 -13.67
N LEU D 131 47.61 -1.15 -14.04
CA LEU D 131 48.34 -0.45 -15.09
C LEU D 131 49.69 -0.04 -14.53
N GLU D 132 49.68 0.40 -13.28
CA GLU D 132 50.90 0.84 -12.60
C GLU D 132 51.90 -0.31 -12.48
N GLN D 133 51.41 -1.48 -12.09
CA GLN D 133 52.28 -2.65 -11.92
C GLN D 133 52.82 -3.16 -13.24
N ARG D 134 52.06 -2.95 -14.32
CA ARG D 134 52.50 -3.41 -15.63
C ARG D 134 53.65 -2.56 -16.12
N GLU D 135 53.55 -1.26 -15.88
CA GLU D 135 54.60 -0.33 -16.31
C GLU D 135 55.88 -0.59 -15.54
N GLN D 136 55.76 -1.09 -14.31
CA GLN D 136 56.93 -1.41 -13.51
C GLN D 136 57.42 -2.81 -13.87
N ASN D 137 56.82 -3.39 -14.90
CA ASN D 137 57.19 -4.74 -15.35
C ASN D 137 57.09 -5.77 -14.22
N LYS D 138 56.05 -5.63 -13.40
CA LYS D 138 55.83 -6.53 -12.28
C LYS D 138 54.73 -7.55 -12.57
N THR D 139 54.19 -7.53 -13.78
CA THR D 139 53.11 -8.44 -14.19
C THR D 139 53.25 -9.89 -13.71
N ILE D 140 54.31 -10.57 -14.09
CA ILE D 140 54.49 -11.96 -13.65
C ILE D 140 54.58 -12.06 -12.13
N GLU D 141 55.30 -11.13 -11.53
CA GLU D 141 55.47 -11.14 -10.09
C GLU D 141 54.12 -11.06 -9.37
N VAL D 142 53.28 -10.11 -9.78
CA VAL D 142 51.97 -9.92 -9.19
C VAL D 142 51.08 -11.15 -9.37
N ILE D 143 50.98 -11.63 -10.60
CA ILE D 143 50.16 -12.78 -10.91
C ILE D 143 50.56 -14.00 -10.09
N THR D 144 51.86 -14.26 -10.02
CA THR D 144 52.36 -15.39 -9.27
C THR D 144 51.87 -15.32 -7.84
N LYS D 145 51.97 -14.14 -7.24
CA LYS D 145 51.56 -13.92 -5.87
C LYS D 145 50.07 -14.23 -5.71
N GLN D 146 49.24 -13.59 -6.52
CA GLN D 146 47.80 -13.78 -6.46
C GLN D 146 47.40 -15.22 -6.67
N VAL D 147 48.00 -15.90 -7.65
CA VAL D 147 47.66 -17.29 -7.89
C VAL D 147 48.14 -18.16 -6.72
N LYS D 148 49.39 -17.96 -6.30
CA LYS D 148 49.93 -18.73 -5.20
C LYS D 148 49.20 -18.46 -3.90
N ALA D 149 48.12 -17.68 -3.96
CA ALA D 149 47.36 -17.39 -2.75
C ALA D 149 46.23 -18.40 -2.55
N PHE D 150 45.89 -19.16 -3.58
CA PHE D 150 44.82 -20.12 -3.46
C PHE D 150 45.00 -21.42 -4.23
N VAL D 151 45.94 -21.41 -5.17
CA VAL D 151 46.16 -22.57 -6.02
C VAL D 151 46.29 -23.90 -5.30
N ASP D 152 46.84 -23.90 -4.09
CA ASP D 152 46.99 -25.16 -3.37
C ASP D 152 45.66 -25.77 -2.93
N LEU D 153 44.63 -24.93 -2.81
CA LEU D 153 43.31 -25.42 -2.40
C LEU D 153 42.58 -26.13 -3.54
N ILE D 154 43.12 -26.07 -4.75
CA ILE D 154 42.46 -26.70 -5.88
C ILE D 154 42.65 -28.22 -5.87
N ASP D 155 41.55 -28.94 -5.76
CA ASP D 155 41.56 -30.38 -5.72
C ASP D 155 41.11 -30.98 -7.05
N ASN D 156 39.98 -30.51 -7.56
CA ASN D 156 39.45 -30.99 -8.82
C ASN D 156 39.62 -29.85 -9.82
N PHE D 157 40.53 -30.03 -10.76
CA PHE D 157 40.82 -28.99 -11.74
C PHE D 157 39.83 -28.78 -12.88
N ASP D 158 38.63 -29.33 -12.72
CA ASP D 158 37.57 -29.16 -13.71
C ASP D 158 36.58 -28.19 -13.09
N ASN D 159 36.65 -28.07 -11.77
CA ASN D 159 35.73 -27.22 -11.01
C ASN D 159 36.23 -25.84 -10.61
N VAL D 160 37.40 -25.45 -11.08
CA VAL D 160 37.94 -24.13 -10.78
C VAL D 160 38.42 -23.56 -12.11
N ILE D 161 37.87 -22.41 -12.49
CA ILE D 161 38.23 -21.78 -13.74
C ILE D 161 38.98 -20.49 -13.41
N LEU D 162 40.21 -20.36 -13.88
CA LEU D 162 40.98 -19.16 -13.59
C LEU D 162 40.73 -18.11 -14.66
N VAL D 163 40.67 -16.84 -14.25
CA VAL D 163 40.45 -15.76 -15.20
C VAL D 163 41.49 -14.67 -15.01
N TYR D 164 42.16 -14.30 -16.11
CA TYR D 164 43.15 -13.25 -16.06
C TYR D 164 42.48 -11.95 -16.49
N GLU D 165 42.45 -10.99 -15.57
CA GLU D 165 41.83 -9.70 -15.85
C GLU D 165 42.85 -8.59 -15.97
N PRO D 166 43.43 -8.40 -17.16
CA PRO D 166 44.43 -7.33 -17.28
C PRO D 166 43.75 -5.98 -16.98
N LEU D 167 43.80 -5.58 -15.71
CA LEU D 167 43.19 -4.33 -15.27
C LEU D 167 43.70 -3.18 -16.10
N PHE D 168 45.01 -3.18 -16.36
CA PHE D 168 45.65 -2.13 -17.14
C PHE D 168 44.89 -1.78 -18.41
N ALA D 169 44.58 -2.80 -19.21
CA ALA D 169 43.87 -2.56 -20.47
C ALA D 169 42.43 -2.09 -20.27
N ILE D 170 41.83 -2.44 -19.12
CA ILE D 170 40.45 -2.04 -18.85
C ILE D 170 40.34 -0.64 -18.25
N GLY D 171 39.91 0.31 -19.09
CA GLY D 171 39.71 1.69 -18.64
C GLY D 171 40.95 2.56 -18.48
N THR D 172 41.78 2.63 -19.51
CA THR D 172 42.98 3.45 -19.47
C THR D 172 43.36 3.91 -20.87
N GLY D 173 42.72 3.32 -21.88
CA GLY D 173 43.02 3.65 -23.26
C GLY D 173 44.09 2.71 -23.79
N LYS D 174 44.29 1.60 -23.08
CA LYS D 174 45.28 0.59 -23.45
C LYS D 174 44.56 -0.61 -24.09
N THR D 175 45.30 -1.45 -24.80
CA THR D 175 44.72 -2.63 -25.45
C THR D 175 45.59 -3.88 -25.28
N ALA D 176 44.99 -4.96 -24.79
CA ALA D 176 45.70 -6.20 -24.59
C ALA D 176 45.58 -7.00 -25.88
N THR D 177 46.70 -7.17 -26.57
CA THR D 177 46.70 -7.91 -27.82
C THR D 177 46.71 -9.41 -27.55
N PRO D 178 46.16 -10.21 -28.47
CA PRO D 178 46.13 -11.67 -28.31
C PRO D 178 47.49 -12.23 -27.92
N GLU D 179 48.55 -11.59 -28.38
CA GLU D 179 49.89 -12.04 -28.05
C GLU D 179 50.24 -11.79 -26.60
N GLN D 180 50.01 -10.56 -26.14
CA GLN D 180 50.29 -10.20 -24.77
C GLN D 180 49.56 -11.13 -23.80
N ALA D 181 48.25 -11.30 -24.02
CA ALA D 181 47.45 -12.16 -23.16
C ALA D 181 47.98 -13.60 -23.19
N GLN D 182 48.23 -14.11 -24.39
CA GLN D 182 48.73 -15.47 -24.56
C GLN D 182 50.03 -15.72 -23.78
N LEU D 183 50.85 -14.69 -23.62
CA LEU D 183 52.09 -14.82 -22.88
C LEU D 183 51.78 -15.08 -21.41
N VAL D 184 50.98 -14.20 -20.81
CA VAL D 184 50.60 -14.37 -19.41
C VAL D 184 49.88 -15.70 -19.18
N HIS D 185 48.92 -16.03 -20.04
CA HIS D 185 48.20 -17.29 -19.90
C HIS D 185 49.16 -18.47 -19.85
N LYS D 186 50.28 -18.35 -20.55
CA LYS D 186 51.30 -19.39 -20.56
C LYS D 186 51.99 -19.44 -19.19
N GLU D 187 52.38 -18.28 -18.68
CA GLU D 187 53.05 -18.21 -17.37
C GLU D 187 52.15 -18.71 -16.24
N ILE D 188 50.86 -18.41 -16.33
CA ILE D 188 49.92 -18.83 -15.31
C ILE D 188 49.86 -20.35 -15.34
N ARG D 189 49.66 -20.91 -16.52
CA ARG D 189 49.55 -22.36 -16.64
C ARG D 189 50.81 -23.06 -16.16
N LYS D 190 51.95 -22.41 -16.31
CA LYS D 190 53.22 -22.98 -15.87
C LYS D 190 53.30 -22.95 -14.35
N ILE D 191 52.73 -21.90 -13.74
CA ILE D 191 52.74 -21.80 -12.29
C ILE D 191 51.92 -22.96 -11.73
N VAL D 192 50.85 -23.31 -12.44
CA VAL D 192 50.02 -24.42 -12.00
C VAL D 192 50.80 -25.72 -12.16
N LYS D 193 51.45 -25.88 -13.33
CA LYS D 193 52.24 -27.07 -13.61
C LYS D 193 53.29 -27.35 -12.55
N ASP D 194 54.09 -26.34 -12.23
CA ASP D 194 55.14 -26.50 -11.25
C ASP D 194 54.66 -26.71 -9.83
N THR D 195 53.44 -26.27 -9.52
CA THR D 195 52.93 -26.41 -8.16
C THR D 195 51.79 -27.42 -7.99
N CYS D 196 51.27 -27.93 -9.10
CA CYS D 196 50.18 -28.91 -9.02
C CYS D 196 50.36 -30.09 -9.97
N GLY D 197 51.37 -30.02 -10.83
CA GLY D 197 51.61 -31.12 -11.76
C GLY D 197 51.08 -30.83 -13.15
N GLU D 198 51.57 -31.58 -14.13
CA GLU D 198 51.16 -31.41 -15.52
C GLU D 198 49.73 -31.78 -15.86
N LYS D 199 49.31 -32.99 -15.53
CA LYS D 199 47.95 -33.43 -15.84
C LYS D 199 46.94 -32.37 -15.41
N GLN D 200 47.24 -31.69 -14.30
CA GLN D 200 46.37 -30.64 -13.77
C GLN D 200 46.50 -29.38 -14.61
N ALA D 201 47.72 -28.89 -14.75
CA ALA D 201 47.98 -27.68 -15.54
C ALA D 201 47.36 -27.74 -16.94
N ASN D 202 47.40 -28.92 -17.56
CA ASN D 202 46.86 -29.11 -18.90
C ASN D 202 45.35 -29.23 -18.90
N GLN D 203 44.79 -29.50 -17.73
CA GLN D 203 43.36 -29.71 -17.57
C GLN D 203 42.54 -28.48 -17.16
N ILE D 204 43.13 -27.60 -16.37
CA ILE D 204 42.44 -26.41 -15.91
C ILE D 204 42.24 -25.38 -17.01
N ARG D 205 41.09 -24.70 -16.99
CA ARG D 205 40.79 -23.66 -17.98
C ARG D 205 41.23 -22.31 -17.47
N ILE D 206 41.86 -21.52 -18.35
CA ILE D 206 42.29 -20.18 -17.99
C ILE D 206 41.66 -19.21 -18.98
N LEU D 207 40.68 -18.45 -18.52
CA LEU D 207 39.96 -17.50 -19.37
C LEU D 207 40.61 -16.11 -19.42
N TYR D 208 40.29 -15.37 -20.47
CA TYR D 208 40.78 -14.01 -20.61
C TYR D 208 39.64 -13.12 -20.10
N GLY D 209 39.97 -12.14 -19.28
CA GLY D 209 38.94 -11.28 -18.72
C GLY D 209 38.89 -9.83 -19.19
N GLY D 210 39.86 -9.40 -20.00
CA GLY D 210 39.84 -8.02 -20.48
C GLY D 210 38.62 -7.78 -21.37
N SER D 211 38.53 -6.63 -22.02
CA SER D 211 37.38 -6.36 -22.88
C SER D 211 37.29 -7.33 -24.04
N VAL D 212 36.16 -8.01 -24.15
CA VAL D 212 35.93 -8.96 -25.23
C VAL D 212 34.69 -8.52 -25.99
N ASN D 213 34.76 -8.58 -27.31
CA ASN D 213 33.62 -8.21 -28.14
C ASN D 213 33.58 -9.13 -29.35
N THR D 214 32.56 -8.98 -30.18
CA THR D 214 32.37 -9.82 -31.36
C THR D 214 33.50 -9.75 -32.38
N GLU D 215 34.29 -8.69 -32.31
CA GLU D 215 35.38 -8.52 -33.27
C GLU D 215 36.74 -9.07 -32.85
N ASN D 216 37.04 -9.07 -31.56
CA ASN D 216 38.35 -9.56 -31.12
C ASN D 216 38.34 -10.93 -30.46
N CYS D 217 37.16 -11.48 -30.21
CA CYS D 217 37.05 -12.78 -29.56
C CYS D 217 37.74 -13.94 -30.29
N SER D 218 37.60 -13.97 -31.62
CA SER D 218 38.20 -15.06 -32.38
C SER D 218 39.72 -15.11 -32.29
N SER D 219 40.37 -13.97 -32.47
CA SER D 219 41.84 -13.94 -32.41
C SER D 219 42.32 -14.25 -31.00
N LEU D 220 41.42 -14.18 -30.03
CA LEU D 220 41.76 -14.47 -28.65
C LEU D 220 41.62 -15.95 -28.34
N ILE D 221 40.44 -16.51 -28.63
CA ILE D 221 40.17 -17.91 -28.37
C ILE D 221 41.19 -18.79 -29.12
N GLN D 222 41.74 -18.27 -30.22
CA GLN D 222 42.71 -19.01 -31.03
C GLN D 222 44.01 -19.31 -30.29
N GLN D 223 44.40 -18.41 -29.38
CA GLN D 223 45.62 -18.59 -28.61
C GLN D 223 45.66 -19.95 -27.92
N GLU D 224 46.87 -20.50 -27.81
CA GLU D 224 47.04 -21.80 -27.20
C GLU D 224 46.56 -21.92 -25.78
N ASP D 225 47.00 -21.00 -24.92
CA ASP D 225 46.61 -21.06 -23.52
C ASP D 225 45.39 -20.26 -23.09
N ILE D 226 44.57 -19.86 -24.05
CA ILE D 226 43.35 -19.13 -23.75
C ILE D 226 42.21 -20.10 -24.02
N ASP D 227 41.45 -20.42 -22.98
CA ASP D 227 40.36 -21.37 -23.05
C ASP D 227 38.94 -20.81 -23.06
N GLY D 228 38.79 -19.51 -23.26
CA GLY D 228 37.47 -18.93 -23.26
C GLY D 228 37.53 -17.59 -22.60
N PHE D 229 36.38 -17.04 -22.23
CA PHE D 229 36.40 -15.72 -21.58
C PHE D 229 35.29 -15.45 -20.60
N LEU D 230 35.47 -14.36 -19.87
CA LEU D 230 34.51 -13.86 -18.90
C LEU D 230 34.07 -12.53 -19.50
N VAL D 231 32.98 -12.55 -20.26
CA VAL D 231 32.49 -11.35 -20.92
C VAL D 231 31.71 -10.39 -20.03
N GLY D 232 31.96 -9.09 -20.20
CA GLY D 232 31.28 -8.08 -19.42
C GLY D 232 30.15 -7.43 -20.20
N ASN D 233 30.30 -6.16 -20.55
CA ASN D 233 29.25 -5.45 -21.27
C ASN D 233 28.74 -6.15 -22.53
N ALA D 234 29.64 -6.80 -23.25
CA ALA D 234 29.25 -7.49 -24.48
C ALA D 234 28.17 -8.53 -24.18
N SER D 235 28.20 -9.10 -22.98
CA SER D 235 27.22 -10.12 -22.60
C SER D 235 25.82 -9.56 -22.37
N LEU D 236 25.70 -8.23 -22.39
CA LEU D 236 24.40 -7.58 -22.19
C LEU D 236 23.70 -7.34 -23.52
N LYS D 237 24.36 -7.74 -24.61
CA LYS D 237 23.81 -7.58 -25.95
C LYS D 237 23.43 -8.93 -26.52
N GLU D 238 22.51 -8.93 -27.48
CA GLU D 238 22.09 -10.18 -28.10
C GLU D 238 23.22 -10.71 -28.96
N SER D 239 24.08 -9.81 -29.42
CA SER D 239 25.21 -10.20 -30.27
C SER D 239 26.20 -11.05 -29.49
N PHE D 240 25.90 -11.28 -28.21
CA PHE D 240 26.76 -12.10 -27.37
C PHE D 240 26.81 -13.52 -27.90
N VAL D 241 25.76 -13.95 -28.61
CA VAL D 241 25.72 -15.30 -29.16
C VAL D 241 26.87 -15.54 -30.13
N ASP D 242 27.30 -14.49 -30.80
CA ASP D 242 28.40 -14.60 -31.74
C ASP D 242 29.70 -14.90 -31.01
N ILE D 243 29.84 -14.36 -29.80
CA ILE D 243 31.04 -14.62 -29.03
C ILE D 243 31.00 -16.09 -28.65
N ILE D 244 29.80 -16.65 -28.45
CA ILE D 244 29.69 -18.06 -28.12
C ILE D 244 30.15 -18.86 -29.34
N LYS D 245 29.55 -18.53 -30.48
CA LYS D 245 29.89 -19.20 -31.73
C LYS D 245 31.39 -19.18 -31.98
N SER D 246 32.06 -18.11 -31.60
CA SER D 246 33.50 -18.03 -31.82
C SER D 246 34.26 -19.11 -31.08
N ALA D 247 33.59 -19.77 -30.14
CA ALA D 247 34.23 -20.82 -29.37
C ALA D 247 33.61 -22.19 -29.59
N MET D 248 32.77 -22.29 -30.62
CA MET D 248 32.16 -23.57 -30.94
C MET D 248 33.04 -24.25 -31.99
C1 G2H E . -16.19 10.93 -14.74
C2 G2H E . -16.59 10.98 -16.05
C3 G2H E . -16.11 9.92 -17.13
P G2H E . -17.31 13.59 -16.68
O11 G2H E . -16.29 11.44 -13.72
O31 G2H E . -15.84 8.44 -17.02
O1P G2H E . -17.50 11.92 -16.65
O2P G2H E . -17.81 14.06 -18.06
O3P G2H E . -15.80 13.91 -16.50
O4P G2H E . -18.18 14.16 -15.50
C1 G2H F . -30.97 9.18 20.37
C2 G2H F . -31.85 8.43 21.09
C3 G2H F . -33.13 9.04 21.79
P G2H F . -30.51 6.18 22.03
O11 G2H F . -30.00 9.16 19.76
O31 G2H F . -34.08 10.11 21.32
O1P G2H F . -31.78 7.01 21.33
O2P G2H F . -31.12 5.07 22.91
O3P G2H F . -29.70 7.18 22.88
O4P G2H F . -29.65 5.59 20.86
C1 G2H G . 20.10 -8.73 16.50
C2 G2H G . 19.24 -9.48 17.24
C3 G2H G . 17.96 -8.88 17.95
P G2H G . 20.59 -11.74 18.15
O11 G2H G . 21.05 -8.74 15.87
O31 G2H G . 17.02 -7.79 17.52
O1P G2H G . 19.30 -10.89 17.47
O2P G2H G . 19.97 -12.86 19.03
O3P G2H G . 21.40 -10.75 19.01
O4P G2H G . 21.43 -12.32 16.97
C1 G2H H . 34.89 -6.96 -18.61
C2 G2H H . 34.47 -6.93 -19.91
C3 G2H H . 34.95 -8.01 -20.97
P G2H H . 33.77 -4.33 -20.56
O11 G2H H . 34.81 -6.44 -17.59
O31 G2H H . 35.17 -9.49 -20.85
O1P G2H H . 33.59 -5.99 -20.52
O2P G2H H . 33.28 -3.87 -21.95
O3P G2H H . 35.29 -4.02 -20.38
O4P G2H H . 32.91 -3.74 -19.39
#